data_2O0Y
#
_entry.id   2O0Y
#
_cell.length_a   60.247
_cell.length_b   69.027
_cell.length_c   79.214
_cell.angle_alpha   74.88
_cell.angle_beta   71.47
_cell.angle_gamma   68.87
#
_symmetry.space_group_name_H-M   'P 1'
#
loop_
_entity.id
_entity.type
_entity.pdbx_description
1 polymer 'Transcriptional regulator'
2 water water
#
_entity_poly.entity_id   1
_entity_poly.type   'polypeptide(L)'
_entity_poly.pdbx_seq_one_letter_code
;VTAVPTDSAEKPAVADAGVRSVTRVIDLLELFDAAHPTRSLKELVEGTKLPKTTVVRLVAT(MSE)CARSVLTSRADGSY
SLGPE(MSE)LRWVRLAGRTWAPPEEVVDI(MSE)RQLSADTGETVNLYIRQGLSRVVVAQCESTATVRSVIPLGVPYPL
WAGAAGKILLLAAPELIDDVAADSPHGPEFADQLREKVEDGRERGYQLVHGERELGSSGLSFPLVDSHGTVVAALTLGGP
TGRFTEDRTPHYIECTRAAAEEISAIGLPGLD
;
_entity_poly.pdbx_strand_id   A,B,C,D
#
# COMPACT_ATOMS: atom_id res chain seq x y z
N GLY A 18 2.63 -10.73 44.91
CA GLY A 18 1.48 -9.75 45.17
C GLY A 18 0.55 -10.29 46.26
N VAL A 19 -0.76 -10.02 46.13
CA VAL A 19 -1.78 -10.59 47.03
C VAL A 19 -1.91 -12.09 46.72
N ARG A 20 -1.63 -12.90 47.74
CA ARG A 20 -1.46 -14.34 47.65
C ARG A 20 -2.64 -15.04 47.02
N SER A 21 -3.85 -14.82 47.56
CA SER A 21 -5.00 -15.54 46.99
C SER A 21 -5.32 -15.19 45.54
N VAL A 22 -5.04 -13.96 45.15
CA VAL A 22 -5.22 -13.51 43.76
C VAL A 22 -4.15 -14.12 42.83
N THR A 23 -2.91 -14.18 43.30
CA THR A 23 -1.83 -14.89 42.62
C THR A 23 -2.24 -16.35 42.35
N ARG A 24 -2.87 -16.96 43.35
CA ARG A 24 -3.29 -18.35 43.31
C ARG A 24 -4.45 -18.64 42.37
N VAL A 25 -5.46 -17.79 42.37
CA VAL A 25 -6.53 -17.99 41.42
C VAL A 25 -5.97 -17.89 40.01
N ILE A 26 -5.13 -16.88 39.76
CA ILE A 26 -4.57 -16.72 38.41
C ILE A 26 -3.67 -17.92 38.06
N ASP A 27 -2.79 -18.33 38.98
CA ASP A 27 -2.02 -19.57 38.83
C ASP A 27 -2.92 -20.73 38.45
N LEU A 28 -4.01 -20.91 39.17
CA LEU A 28 -5.00 -21.95 38.85
C LEU A 28 -5.58 -21.83 37.45
N LEU A 29 -6.06 -20.64 37.10
CA LEU A 29 -6.61 -20.42 35.75
C LEU A 29 -5.62 -20.69 34.63
N GLU A 30 -4.34 -20.42 34.89
CA GLU A 30 -3.32 -20.57 33.86
C GLU A 30 -3.09 -22.03 33.52
N LEU A 31 -3.59 -22.93 34.34
CA LEU A 31 -3.55 -24.36 34.04
C LEU A 31 -4.48 -24.78 32.88
N PHE A 32 -5.45 -23.93 32.54
CA PHE A 32 -6.37 -24.23 31.48
C PHE A 32 -5.80 -23.62 30.24
N ASP A 33 -5.58 -24.45 29.22
CA ASP A 33 -5.09 -23.94 27.95
C ASP A 33 -5.58 -24.89 26.88
N ALA A 34 -5.23 -24.65 25.61
CA ALA A 34 -5.73 -25.48 24.48
C ALA A 34 -5.50 -26.98 24.66
N ALA A 35 -4.33 -27.33 25.17
CA ALA A 35 -3.90 -28.72 25.34
C ALA A 35 -4.57 -29.36 26.53
N HIS A 36 -5.04 -28.53 27.46
CA HIS A 36 -5.67 -28.94 28.71
C HIS A 36 -6.94 -28.14 28.88
N PRO A 37 -7.98 -28.50 28.12
CA PRO A 37 -9.21 -27.78 28.21
C PRO A 37 -10.06 -28.04 29.47
N THR A 38 -9.87 -29.19 30.10
CA THR A 38 -10.55 -29.47 31.37
C THR A 38 -9.47 -29.88 32.37
N ARG A 39 -9.78 -29.75 33.67
CA ARG A 39 -8.81 -30.10 34.68
C ARG A 39 -9.52 -30.71 35.88
N SER A 40 -9.00 -31.84 36.37
CA SER A 40 -9.52 -32.45 37.57
C SER A 40 -9.08 -31.65 38.79
N LEU A 41 -9.79 -31.83 39.90
CA LEU A 41 -9.33 -31.32 41.21
C LEU A 41 -7.89 -31.73 41.48
N LYS A 42 -7.61 -33.04 41.34
CA LYS A 42 -6.25 -33.59 41.46
C LYS A 42 -5.22 -32.79 40.62
N GLU A 43 -5.44 -32.68 39.30
CA GLU A 43 -4.57 -31.81 38.46
C GLU A 43 -4.38 -30.34 38.86
N LEU A 44 -5.41 -29.73 39.42
CA LEU A 44 -5.31 -28.33 39.88
C LEU A 44 -4.45 -28.21 41.14
N VAL A 45 -4.65 -29.15 42.07
CA VAL A 45 -3.83 -29.26 43.27
C VAL A 45 -2.37 -29.52 42.89
N GLU A 46 -2.15 -30.45 41.97
CA GLU A 46 -0.78 -30.84 41.61
C GLU A 46 -0.03 -29.82 40.81
N GLY A 47 -0.79 -28.96 40.11
CA GLY A 47 -0.23 -27.95 39.24
C GLY A 47 -0.08 -26.62 39.93
N THR A 48 -0.86 -26.39 40.99
CA THR A 48 -0.75 -25.17 41.81
C THR A 48 0.28 -25.32 42.93
N LYS A 49 0.68 -26.57 43.24
CA LYS A 49 1.47 -26.90 44.41
C LYS A 49 0.74 -26.59 45.73
N LEU A 50 -0.48 -26.05 45.63
CA LEU A 50 -1.28 -25.64 46.78
C LEU A 50 -1.93 -26.82 47.55
N PRO A 51 -2.36 -26.59 48.80
CA PRO A 51 -3.06 -27.68 49.49
C PRO A 51 -4.47 -27.91 48.94
N LYS A 52 -4.87 -29.18 48.85
CA LYS A 52 -6.23 -29.61 48.47
C LYS A 52 -7.33 -28.73 49.13
N THR A 53 -7.25 -28.56 50.46
CA THR A 53 -8.30 -27.85 51.19
C THR A 53 -8.45 -26.39 50.74
N THR A 54 -7.33 -25.78 50.36
CA THR A 54 -7.24 -24.43 49.80
C THR A 54 -7.85 -24.42 48.37
N VAL A 55 -7.31 -25.29 47.51
CA VAL A 55 -7.82 -25.48 46.17
C VAL A 55 -9.35 -25.83 46.13
N VAL A 56 -9.81 -26.74 46.99
CA VAL A 56 -11.25 -27.08 47.06
C VAL A 56 -12.12 -25.82 47.25
N ARG A 57 -11.73 -24.96 48.19
CA ARG A 57 -12.43 -23.70 48.50
C ARG A 57 -12.42 -22.69 47.35
N LEU A 58 -11.23 -22.43 46.82
CA LEU A 58 -11.06 -21.55 45.64
C LEU A 58 -11.89 -22.01 44.43
N VAL A 59 -11.88 -23.31 44.16
CA VAL A 59 -12.59 -23.86 43.04
C VAL A 59 -14.11 -23.71 43.26
N ALA A 60 -14.61 -24.03 44.45
CA ALA A 60 -16.02 -23.87 44.82
C ALA A 60 -16.46 -22.40 44.66
N THR A 61 -15.58 -21.45 44.97
CA THR A 61 -15.89 -20.02 44.86
C THR A 61 -16.02 -19.63 43.39
N MSE A 62 -15.08 -20.07 42.57
CA MSE A 62 -15.10 -19.80 41.14
C MSE A 62 -16.28 -20.45 40.45
O MSE A 62 -16.90 -19.83 39.57
CB MSE A 62 -13.79 -20.26 40.51
CG MSE A 62 -12.61 -19.61 41.20
SE MSE A 62 -10.84 -20.39 40.81
CE MSE A 62 -10.81 -19.77 39.33
N CYS A 63 -16.58 -21.71 40.78
CA CYS A 63 -17.81 -22.36 40.33
C CYS A 63 -19.07 -21.53 40.65
N ALA A 64 -19.20 -21.11 41.90
CA ALA A 64 -20.38 -20.37 42.32
C ALA A 64 -20.57 -19.10 41.48
N ARG A 65 -19.45 -18.51 41.02
CA ARG A 65 -19.46 -17.21 40.33
C ARG A 65 -19.33 -17.42 38.82
N SER A 66 -19.47 -18.68 38.36
CA SER A 66 -19.37 -19.02 36.92
C SER A 66 -18.08 -18.66 36.24
N VAL A 67 -17.01 -18.60 37.02
CA VAL A 67 -15.67 -18.41 36.49
C VAL A 67 -15.10 -19.75 35.99
N LEU A 68 -15.58 -20.83 36.61
CA LEU A 68 -15.35 -22.23 36.23
C LEU A 68 -16.69 -22.97 36.16
N THR A 69 -16.71 -24.03 35.38
CA THR A 69 -17.88 -24.87 35.25
C THR A 69 -17.49 -26.23 35.75
N SER A 70 -18.36 -26.81 36.58
CA SER A 70 -18.20 -28.17 37.03
C SER A 70 -18.85 -29.14 36.03
N ARG A 71 -18.06 -30.03 35.45
CA ARG A 71 -18.54 -30.85 34.36
C ARG A 71 -19.13 -32.18 34.82
N ALA A 72 -19.86 -32.85 33.92
CA ALA A 72 -20.50 -34.11 34.29
C ALA A 72 -19.46 -35.18 34.64
N ASP A 73 -18.27 -35.11 34.03
CA ASP A 73 -17.23 -36.08 34.36
C ASP A 73 -16.51 -35.81 35.71
N GLY A 74 -16.93 -34.76 36.42
CA GLY A 74 -16.28 -34.37 37.67
C GLY A 74 -15.10 -33.41 37.49
N SER A 75 -14.65 -33.21 36.26
CA SER A 75 -13.58 -32.24 36.00
C SER A 75 -14.13 -30.82 35.84
N TYR A 76 -13.24 -29.83 35.74
CA TYR A 76 -13.65 -28.45 35.55
C TYR A 76 -13.16 -27.86 34.22
N SER A 77 -13.88 -26.84 33.75
CA SER A 77 -13.47 -26.05 32.61
C SER A 77 -13.78 -24.57 32.88
N LEU A 78 -13.31 -23.68 32.00
CA LEU A 78 -13.58 -22.23 32.19
C LEU A 78 -15.08 -22.00 32.10
N GLY A 79 -15.62 -21.14 32.96
CA GLY A 79 -17.05 -20.92 32.97
C GLY A 79 -17.44 -19.75 32.14
N PRO A 80 -18.75 -19.54 31.99
CA PRO A 80 -19.23 -18.53 31.11
C PRO A 80 -18.71 -17.09 31.47
N GLU A 81 -18.58 -16.77 32.76
CA GLU A 81 -18.10 -15.41 33.11
C GLU A 81 -16.68 -15.22 32.62
N MSE A 82 -15.85 -16.21 32.87
CA MSE A 82 -14.44 -16.21 32.43
C MSE A 82 -14.35 -16.06 30.91
O MSE A 82 -13.64 -15.23 30.38
CB MSE A 82 -13.78 -17.47 32.96
CG MSE A 82 -12.34 -17.59 32.64
SE MSE A 82 -11.21 -16.22 33.48
CE MSE A 82 -9.66 -16.89 32.53
N LEU A 83 -15.14 -16.84 30.19
CA LEU A 83 -15.15 -16.73 28.72
C LEU A 83 -15.61 -15.38 28.21
N ARG A 84 -16.52 -14.77 28.94
CA ARG A 84 -16.99 -13.39 28.59
C ARG A 84 -15.81 -12.41 28.68
N TRP A 85 -15.02 -12.52 29.76
CA TRP A 85 -13.87 -11.58 29.95
C TRP A 85 -12.84 -11.87 28.86
N VAL A 86 -12.65 -13.15 28.52
CA VAL A 86 -11.63 -13.52 27.49
C VAL A 86 -12.02 -12.91 26.14
N ARG A 87 -13.31 -12.97 25.82
CA ARG A 87 -13.84 -12.41 24.57
CA ARG A 87 -13.79 -12.41 24.55
C ARG A 87 -13.70 -10.90 24.56
N LEU A 88 -14.07 -10.25 25.67
CA LEU A 88 -13.93 -8.82 25.78
C LEU A 88 -12.46 -8.39 25.60
N ALA A 89 -11.54 -9.08 26.27
CA ALA A 89 -10.11 -8.74 26.17
C ALA A 89 -9.68 -8.95 24.69
N GLY A 90 -10.15 -10.04 24.08
CA GLY A 90 -9.87 -10.29 22.65
C GLY A 90 -10.22 -9.08 21.81
N ARG A 91 -11.41 -8.52 22.04
CA ARG A 91 -11.84 -7.31 21.29
C ARG A 91 -11.05 -6.08 21.70
N THR A 92 -10.75 -5.95 22.98
CA THR A 92 -9.93 -4.83 23.43
C THR A 92 -8.56 -4.78 22.72
N TRP A 93 -7.92 -5.93 22.52
CA TRP A 93 -6.55 -6.00 22.05
C TRP A 93 -6.45 -6.22 20.54
N ALA A 94 -7.56 -6.58 19.90
CA ALA A 94 -7.55 -6.90 18.47
C ALA A 94 -7.13 -5.65 17.69
N PRO A 95 -6.08 -5.74 16.83
CA PRO A 95 -5.75 -4.57 16.03
C PRO A 95 -6.86 -4.28 15.00
N PRO A 96 -6.84 -3.08 14.39
CA PRO A 96 -7.76 -2.87 13.29
C PRO A 96 -7.66 -4.01 12.25
N GLU A 97 -8.77 -4.32 11.58
CA GLU A 97 -8.76 -5.35 10.53
C GLU A 97 -7.68 -5.08 9.50
N GLU A 98 -7.42 -3.82 9.16
CA GLU A 98 -6.40 -3.51 8.13
C GLU A 98 -5.01 -3.86 8.61
N VAL A 99 -4.78 -3.71 9.91
CA VAL A 99 -3.49 -4.05 10.49
C VAL A 99 -3.37 -5.59 10.50
N VAL A 100 -4.41 -6.28 10.94
CA VAL A 100 -4.38 -7.75 10.80
C VAL A 100 -4.10 -8.20 9.37
N ASP A 101 -4.71 -7.53 8.39
CA ASP A 101 -4.45 -7.91 6.97
C ASP A 101 -2.99 -7.74 6.58
N ILE A 102 -2.38 -6.68 7.09
CA ILE A 102 -0.96 -6.43 6.84
C ILE A 102 -0.11 -7.53 7.50
N MSE A 103 -0.44 -7.87 8.74
CA MSE A 103 0.30 -8.97 9.41
C MSE A 103 0.17 -10.30 8.69
O MSE A 103 1.11 -11.10 8.66
CB MSE A 103 -0.20 -9.08 10.87
CG MSE A 103 0.24 -7.94 11.68
SE MSE A 103 -0.67 -8.00 13.46
CE MSE A 103 0.29 -9.60 14.12
N ARG A 104 -1.01 -10.56 8.14
CA ARG A 104 -1.27 -11.84 7.45
C ARG A 104 -0.50 -11.87 6.14
N GLN A 105 -0.48 -10.74 5.42
CA GLN A 105 0.28 -10.64 4.19
C GLN A 105 1.78 -10.77 4.43
N LEU A 106 2.28 -10.20 5.53
CA LEU A 106 3.69 -10.31 5.91
C LEU A 106 4.08 -11.75 6.28
N SER A 107 3.19 -12.47 7.00
CA SER A 107 3.46 -13.86 7.29
C SER A 107 3.56 -14.66 5.98
N ALA A 108 2.61 -14.46 5.07
CA ALA A 108 2.60 -15.17 3.77
C ALA A 108 3.82 -14.81 2.90
N ASP A 109 4.21 -13.54 2.89
CA ASP A 109 5.36 -13.06 2.12
C ASP A 109 6.67 -13.59 2.64
N THR A 110 6.79 -13.80 3.95
CA THR A 110 8.04 -14.26 4.56
C THR A 110 8.05 -15.76 4.91
N GLY A 111 6.86 -16.34 5.09
CA GLY A 111 6.66 -17.72 5.52
C GLY A 111 6.91 -17.90 7.03
N GLU A 112 6.98 -16.78 7.77
CA GLU A 112 7.23 -16.77 9.21
C GLU A 112 6.02 -16.23 10.00
N THR A 113 5.92 -16.67 11.26
CA THR A 113 4.83 -16.22 12.15
C THR A 113 5.13 -14.79 12.45
N VAL A 114 4.12 -13.93 12.44
CA VAL A 114 4.31 -12.51 12.77
C VAL A 114 3.68 -12.24 14.14
N ASN A 115 4.46 -11.70 15.07
CA ASN A 115 3.99 -11.44 16.43
C ASN A 115 3.97 -9.93 16.69
N LEU A 116 2.88 -9.42 17.24
N LEU A 116 2.85 -9.44 17.24
CA LEU A 116 2.89 -8.02 17.64
CA LEU A 116 2.81 -8.05 17.69
C LEU A 116 2.95 -7.95 19.16
C LEU A 116 2.96 -8.05 19.20
N TYR A 117 4.08 -7.51 19.69
CA TYR A 117 4.37 -7.52 21.13
C TYR A 117 4.15 -6.14 21.71
N ILE A 118 3.74 -6.07 22.98
CA ILE A 118 3.86 -4.87 23.78
C ILE A 118 4.60 -5.24 25.05
N ARG A 119 4.98 -4.20 25.82
CA ARG A 119 5.69 -4.39 27.10
C ARG A 119 4.64 -4.29 28.15
N GLN A 120 4.75 -5.10 29.21
CA GLN A 120 3.96 -4.88 30.42
C GLN A 120 4.91 -5.09 31.56
N GLY A 121 5.26 -4.03 32.27
CA GLY A 121 6.32 -4.15 33.33
C GLY A 121 7.64 -4.58 32.74
N LEU A 122 8.26 -5.60 33.31
CA LEU A 122 9.51 -6.14 32.80
C LEU A 122 9.36 -7.30 31.80
N SER A 123 8.20 -7.41 31.17
CA SER A 123 7.92 -8.50 30.27
C SER A 123 7.49 -7.95 28.95
N ARG A 124 7.61 -8.77 27.92
CA ARG A 124 7.02 -8.57 26.64
C ARG A 124 5.89 -9.61 26.47
N VAL A 125 4.87 -9.24 25.74
CA VAL A 125 3.72 -10.16 25.56
C VAL A 125 3.14 -9.95 24.19
N VAL A 126 2.77 -11.05 23.55
CA VAL A 126 2.24 -10.99 22.22
C VAL A 126 0.75 -10.75 22.37
N VAL A 127 0.25 -9.75 21.66
CA VAL A 127 -1.20 -9.39 21.77
C VAL A 127 -1.90 -9.56 20.43
N ALA A 128 -1.13 -9.82 19.38
CA ALA A 128 -1.75 -10.22 18.10
C ALA A 128 -0.76 -11.08 17.34
N GLN A 129 -1.25 -12.08 16.64
CA GLN A 129 -0.36 -13.07 15.98
C GLN A 129 -0.92 -13.65 14.72
N CYS A 130 -0.09 -13.70 13.68
CA CYS A 130 -0.50 -14.42 12.45
C CYS A 130 0.55 -15.49 12.20
N GLU A 131 0.18 -16.75 12.44
CA GLU A 131 1.12 -17.86 12.24
C GLU A 131 1.31 -18.15 10.75
N SER A 132 2.52 -18.60 10.38
CA SER A 132 2.70 -19.11 9.03
C SER A 132 2.23 -20.55 8.97
N THR A 133 2.31 -21.14 7.79
CA THR A 133 1.87 -22.51 7.60
C THR A 133 3.06 -23.49 7.75
N ALA A 134 4.26 -22.96 8.03
CA ALA A 134 5.47 -23.79 8.08
C ALA A 134 5.30 -24.81 9.19
N THR A 135 5.78 -26.06 9.06
CA THR A 135 5.47 -26.99 10.15
C THR A 135 6.35 -26.74 11.39
N VAL A 136 7.56 -26.20 11.16
CA VAL A 136 8.40 -25.68 12.26
C VAL A 136 8.30 -24.18 12.18
N ARG A 137 7.74 -23.58 13.23
CA ARG A 137 7.52 -22.14 13.20
C ARG A 137 7.42 -21.61 14.63
N SER A 138 7.36 -20.30 14.85
CA SER A 138 7.07 -19.76 16.19
C SER A 138 5.59 -19.96 16.48
N VAL A 139 5.27 -20.46 17.65
CA VAL A 139 3.90 -20.56 18.12
C VAL A 139 3.87 -20.00 19.54
N ILE A 140 4.70 -18.98 19.80
CA ILE A 140 4.76 -18.41 21.15
C ILE A 140 3.29 -18.05 21.57
N PRO A 141 2.85 -18.43 22.78
CA PRO A 141 1.44 -18.23 23.09
C PRO A 141 1.05 -16.75 23.29
N LEU A 142 -0.08 -16.41 22.68
CA LEU A 142 -0.70 -15.10 22.89
CA LEU A 142 -0.70 -15.09 22.91
C LEU A 142 -0.88 -14.87 24.38
N GLY A 143 -0.56 -13.68 24.89
CA GLY A 143 -1.00 -13.33 26.28
C GLY A 143 -0.08 -13.82 27.37
N VAL A 144 0.98 -14.56 27.01
CA VAL A 144 1.91 -15.13 28.07
C VAL A 144 3.12 -14.20 28.19
N PRO A 145 3.49 -13.81 29.42
CA PRO A 145 4.63 -12.89 29.57
C PRO A 145 5.96 -13.56 29.35
N TYR A 146 6.83 -12.97 28.56
CA TYR A 146 8.23 -13.43 28.47
C TYR A 146 9.15 -12.26 28.85
N PRO A 147 10.42 -12.54 29.22
CA PRO A 147 11.33 -11.48 29.66
C PRO A 147 11.70 -10.52 28.56
N LEU A 148 12.22 -9.37 28.94
CA LEU A 148 12.64 -8.41 27.95
C LEU A 148 14.09 -8.60 27.58
N TRP A 149 14.85 -9.30 28.43
CA TRP A 149 16.32 -9.34 28.28
C TRP A 149 16.77 -10.22 27.11
N ALA A 150 15.91 -11.06 26.57
CA ALA A 150 16.34 -11.92 25.45
C ALA A 150 15.40 -11.75 24.26
N GLY A 151 16.00 -11.71 23.08
CA GLY A 151 15.24 -11.70 21.83
C GLY A 151 15.13 -10.30 21.25
N ALA A 152 14.70 -10.22 19.99
CA ALA A 152 14.68 -8.98 19.22
C ALA A 152 13.59 -8.03 19.73
N ALA A 153 12.39 -8.55 20.01
CA ALA A 153 11.28 -7.64 20.43
C ALA A 153 11.55 -6.90 21.74
N GLY A 154 12.16 -7.60 22.67
CA GLY A 154 12.42 -6.99 23.96
C GLY A 154 13.29 -5.76 23.82
N LYS A 155 14.33 -5.85 22.99
CA LYS A 155 15.25 -4.74 22.83
C LYS A 155 14.64 -3.64 22.03
N ILE A 156 13.68 -3.97 21.17
CA ILE A 156 12.92 -2.92 20.48
C ILE A 156 11.99 -2.22 21.50
N LEU A 157 11.26 -2.99 22.28
CA LEU A 157 10.39 -2.31 23.32
C LEU A 157 11.16 -1.45 24.31
N LEU A 158 12.40 -1.84 24.60
CA LEU A 158 13.25 -1.04 25.53
C LEU A 158 13.66 0.32 24.98
N LEU A 159 13.40 0.60 23.69
CA LEU A 159 13.73 1.94 23.10
C LEU A 159 12.85 3.00 23.77
N ALA A 160 11.68 2.56 24.19
CA ALA A 160 10.75 3.45 24.89
C ALA A 160 10.87 3.35 26.43
N ALA A 161 11.83 2.59 26.94
CA ALA A 161 11.97 2.46 28.39
C ALA A 161 13.43 2.41 28.86
N PRO A 162 14.19 3.50 28.61
CA PRO A 162 15.58 3.54 29.05
C PRO A 162 15.76 3.34 30.56
N GLU A 163 14.76 3.76 31.34
CA GLU A 163 14.84 3.72 32.80
C GLU A 163 14.69 2.30 33.36
N LEU A 164 14.33 1.35 32.50
CA LEU A 164 14.09 -0.02 32.93
C LEU A 164 15.28 -0.93 32.60
N ILE A 165 16.25 -0.41 31.88
CA ILE A 165 17.32 -1.26 31.37
C ILE A 165 18.09 -1.92 32.51
N ASP A 166 18.32 -1.19 33.60
CA ASP A 166 19.10 -1.73 34.70
C ASP A 166 18.33 -2.88 35.38
N ASP A 167 17.01 -2.71 35.50
CA ASP A 167 16.14 -3.72 36.10
C ASP A 167 15.98 -4.96 35.22
N VAL A 168 15.91 -4.76 33.93
CA VAL A 168 15.92 -5.87 32.99
C VAL A 168 17.24 -6.68 33.04
N ALA A 169 18.39 -6.00 32.99
CA ALA A 169 19.65 -6.70 33.20
C ALA A 169 19.62 -7.41 34.55
N ALA A 170 19.28 -6.75 35.65
CA ALA A 170 19.21 -7.45 36.93
C ALA A 170 18.31 -8.68 36.93
N ASP A 171 17.35 -8.74 36.01
CA ASP A 171 16.33 -9.80 35.89
C ASP A 171 16.91 -10.92 35.04
N SER A 172 17.85 -10.57 34.17
CA SER A 172 18.45 -11.54 33.27
C SER A 172 19.43 -12.47 33.97
N PRO A 173 19.71 -13.66 33.40
CA PRO A 173 20.74 -14.50 34.03
C PRO A 173 22.14 -13.91 33.95
N HIS A 174 22.35 -12.87 33.14
CA HIS A 174 23.66 -12.20 33.09
C HIS A 174 23.85 -11.28 34.30
N GLY A 175 22.76 -10.87 34.93
CA GLY A 175 22.80 -10.12 36.18
C GLY A 175 23.08 -8.64 35.97
N PRO A 176 23.05 -7.84 37.07
CA PRO A 176 23.15 -6.38 36.93
C PRO A 176 24.28 -5.85 36.08
N GLU A 177 25.43 -6.52 36.03
CA GLU A 177 26.62 -5.97 35.35
C GLU A 177 26.49 -5.94 33.84
N PHE A 178 25.48 -6.66 33.35
CA PHE A 178 25.08 -6.72 31.95
C PHE A 178 24.34 -5.45 31.44
N ALA A 179 23.95 -4.55 32.33
CA ALA A 179 23.16 -3.38 31.97
C ALA A 179 23.79 -2.56 30.84
N ASP A 180 25.10 -2.36 30.89
CA ASP A 180 25.78 -1.48 29.92
C ASP A 180 25.75 -2.10 28.52
N GLN A 181 25.95 -3.40 28.44
CA GLN A 181 25.93 -4.02 27.13
C GLN A 181 24.49 -4.11 26.60
N LEU A 182 23.51 -4.23 27.51
CA LEU A 182 22.10 -4.26 27.05
C LEU A 182 21.76 -2.86 26.50
N ARG A 183 22.18 -1.81 27.22
CA ARG A 183 22.03 -0.44 26.77
C ARG A 183 22.62 -0.22 25.35
N GLU A 184 23.85 -0.68 25.13
CA GLU A 184 24.53 -0.68 23.83
C GLU A 184 23.68 -1.39 22.73
N LYS A 185 23.22 -2.61 23.00
CA LYS A 185 22.41 -3.36 22.05
C LYS A 185 21.10 -2.66 21.73
N VAL A 186 20.49 -2.05 22.72
CA VAL A 186 19.26 -1.32 22.48
C VAL A 186 19.57 -0.12 21.56
N GLU A 187 20.69 0.54 21.80
CA GLU A 187 21.04 1.69 21.00
C GLU A 187 21.45 1.29 19.58
N ASP A 188 22.14 0.17 19.43
CA ASP A 188 22.44 -0.39 18.09
C ASP A 188 21.13 -0.54 17.28
N GLY A 189 20.11 -1.14 17.90
CA GLY A 189 18.76 -1.29 17.28
C GLY A 189 18.15 0.06 16.92
N ARG A 190 18.33 1.07 17.78
CA ARG A 190 17.80 2.40 17.50
CA ARG A 190 17.83 2.41 17.52
C ARG A 190 18.39 2.96 16.20
N GLU A 191 19.71 2.78 16.01
CA GLU A 191 20.44 3.28 14.85
C GLU A 191 20.10 2.50 13.56
N ARG A 192 20.01 1.18 13.66
CA ARG A 192 19.67 0.30 12.53
CA ARG A 192 19.67 0.31 12.53
C ARG A 192 18.21 0.43 12.13
N GLY A 193 17.33 0.60 13.14
CA GLY A 193 15.89 0.67 12.97
C GLY A 193 15.26 -0.71 13.13
N TYR A 194 16.05 -1.70 13.53
CA TYR A 194 15.51 -3.03 13.85
C TYR A 194 16.50 -3.85 14.67
N GLN A 195 16.00 -4.96 15.21
CA GLN A 195 16.78 -5.97 15.93
C GLN A 195 16.67 -7.23 15.16
N LEU A 196 17.81 -7.83 14.84
CA LEU A 196 17.82 -9.19 14.29
C LEU A 196 18.70 -10.05 15.16
N VAL A 197 18.14 -11.03 15.85
CA VAL A 197 18.85 -11.74 16.92
C VAL A 197 18.70 -13.25 16.69
N HIS A 198 19.73 -14.03 17.01
CA HIS A 198 19.73 -15.48 16.80
C HIS A 198 20.04 -16.17 18.12
N GLY A 199 19.14 -17.05 18.54
CA GLY A 199 19.44 -18.02 19.60
C GLY A 199 19.72 -17.36 20.95
N GLU A 200 19.18 -16.15 21.15
CA GLU A 200 19.26 -15.53 22.48
C GLU A 200 18.21 -16.13 23.37
N ARG A 201 16.97 -16.11 22.90
CA ARG A 201 15.89 -16.63 23.70
C ARG A 201 16.03 -18.14 24.01
N GLU A 202 16.33 -18.93 22.99
CA GLU A 202 16.13 -20.36 23.02
C GLU A 202 16.87 -20.85 21.78
N LEU A 203 17.70 -21.87 21.91
CA LEU A 203 18.48 -22.35 20.78
C LEU A 203 17.57 -22.70 19.59
N GLY A 204 17.95 -22.33 18.38
CA GLY A 204 17.18 -22.64 17.18
C GLY A 204 16.16 -21.60 16.84
N SER A 205 16.06 -20.56 17.65
CA SER A 205 15.01 -19.59 17.47
C SER A 205 15.66 -18.24 17.12
N SER A 206 15.12 -17.52 16.15
CA SER A 206 15.64 -16.23 15.77
C SER A 206 14.49 -15.26 15.68
N GLY A 207 14.76 -13.96 15.67
CA GLY A 207 13.64 -12.99 15.63
C GLY A 207 14.12 -11.73 14.91
N LEU A 208 13.23 -11.08 14.17
CA LEU A 208 13.56 -9.77 13.53
C LEU A 208 12.46 -8.84 14.01
N SER A 209 12.77 -7.69 14.61
CA SER A 209 11.70 -6.85 15.20
C SER A 209 11.91 -5.44 14.77
N PHE A 210 10.83 -4.76 14.43
CA PHE A 210 10.85 -3.35 14.06
C PHE A 210 9.94 -2.63 15.04
N PRO A 211 10.24 -1.36 15.35
CA PRO A 211 9.38 -0.58 16.23
C PRO A 211 8.09 -0.19 15.52
N LEU A 212 6.98 -0.17 16.28
CA LEU A 212 5.75 0.47 15.83
C LEU A 212 5.61 1.72 16.69
N VAL A 213 5.35 2.88 16.06
CA VAL A 213 5.43 4.16 16.77
C VAL A 213 4.08 4.87 16.78
N ASP A 214 3.81 5.67 17.79
CA ASP A 214 2.60 6.49 17.78
C ASP A 214 2.91 7.75 16.97
N SER A 215 1.97 8.71 16.97
CA SER A 215 2.14 9.95 16.23
C SER A 215 3.29 10.81 16.76
N HIS A 216 3.73 10.50 17.98
CA HIS A 216 4.81 11.28 18.63
C HIS A 216 6.15 10.65 18.35
N GLY A 217 6.15 9.46 17.73
CA GLY A 217 7.37 8.74 17.43
C GLY A 217 7.80 7.85 18.59
N THR A 218 6.95 7.74 19.60
CA THR A 218 7.20 6.84 20.73
C THR A 218 6.96 5.41 20.30
N VAL A 219 7.86 4.51 20.69
CA VAL A 219 7.72 3.10 20.33
C VAL A 219 6.65 2.48 21.26
N VAL A 220 5.54 2.03 20.68
CA VAL A 220 4.41 1.51 21.49
C VAL A 220 4.27 -0.04 21.40
N ALA A 221 4.93 -0.66 20.40
CA ALA A 221 4.80 -2.10 20.20
C ALA A 221 5.98 -2.48 19.29
N ALA A 222 6.20 -3.78 19.11
CA ALA A 222 7.32 -4.31 18.29
C ALA A 222 6.73 -5.35 17.36
N LEU A 223 6.78 -5.05 16.07
CA LEU A 223 6.37 -6.00 15.03
C LEU A 223 7.50 -6.94 14.70
N THR A 224 7.25 -8.25 14.84
CA THR A 224 8.37 -9.17 14.95
C THR A 224 8.08 -10.46 14.18
N LEU A 225 9.04 -10.92 13.40
CA LEU A 225 8.99 -12.27 12.84
C LEU A 225 9.77 -13.17 13.78
N GLY A 226 9.25 -14.37 14.09
CA GLY A 226 10.05 -15.28 14.90
C GLY A 226 9.95 -16.62 14.21
N GLY A 227 10.98 -17.42 14.30
CA GLY A 227 10.99 -18.70 13.62
C GLY A 227 12.38 -19.32 13.73
N PRO A 228 12.58 -20.44 13.02
CA PRO A 228 13.78 -21.24 13.15
C PRO A 228 14.98 -20.47 12.59
N THR A 229 16.10 -20.50 13.32
N THR A 229 16.06 -20.50 13.33
CA THR A 229 17.30 -19.72 12.90
CA THR A 229 17.26 -19.79 12.94
C THR A 229 17.80 -20.13 11.50
C THR A 229 17.66 -20.10 11.49
N GLY A 230 17.56 -21.38 11.12
CA GLY A 230 17.93 -21.86 9.77
C GLY A 230 17.12 -21.23 8.63
N ARG A 231 16.00 -20.58 8.93
CA ARG A 231 15.36 -19.67 7.91
C ARG A 231 15.71 -18.17 8.03
N PHE A 232 16.43 -17.76 9.07
CA PHE A 232 16.81 -16.34 9.29
C PHE A 232 18.28 -16.18 8.86
N THR A 233 18.63 -16.81 7.72
CA THR A 233 20.00 -16.82 7.25
C THR A 233 20.23 -15.57 6.42
N GLU A 234 21.48 -15.29 6.06
CA GLU A 234 21.78 -13.98 5.46
C GLU A 234 21.24 -13.86 4.04
N ASP A 235 20.90 -14.99 3.43
CA ASP A 235 20.34 -14.93 2.09
C ASP A 235 18.84 -14.65 2.14
N ARG A 236 18.24 -14.77 3.33
CA ARG A 236 16.79 -14.62 3.50
C ARG A 236 16.35 -13.39 4.26
N THR A 237 17.19 -12.93 5.18
CA THR A 237 16.83 -11.81 5.98
C THR A 237 16.75 -10.45 5.26
N PRO A 238 17.54 -10.24 4.21
CA PRO A 238 17.30 -8.97 3.49
C PRO A 238 15.88 -8.79 3.03
N HIS A 239 15.29 -9.85 2.49
CA HIS A 239 13.87 -9.84 2.11
C HIS A 239 12.96 -9.70 3.34
N TYR A 240 13.22 -10.48 4.39
CA TYR A 240 12.43 -10.30 5.62
C TYR A 240 12.45 -8.85 6.07
N ILE A 241 13.62 -8.23 6.04
CA ILE A 241 13.80 -6.87 6.50
C ILE A 241 13.03 -5.92 5.61
N GLU A 242 13.11 -6.09 4.29
CA GLU A 242 12.39 -5.16 3.41
C GLU A 242 10.87 -5.21 3.65
N CYS A 243 10.30 -6.41 3.85
CA CYS A 243 8.87 -6.60 3.99
C CYS A 243 8.42 -6.08 5.36
N THR A 244 9.15 -6.46 6.43
CA THR A 244 8.77 -6.12 7.79
C THR A 244 8.85 -4.62 8.05
N ARG A 245 9.86 -3.98 7.45
CA ARG A 245 9.97 -2.53 7.57
C ARG A 245 8.75 -1.87 6.92
N ALA A 246 8.43 -2.25 5.68
CA ALA A 246 7.26 -1.66 4.98
C ALA A 246 6.00 -1.90 5.83
N ALA A 247 5.84 -3.11 6.38
CA ALA A 247 4.67 -3.37 7.21
C ALA A 247 4.58 -2.54 8.46
N ALA A 248 5.69 -2.38 9.17
CA ALA A 248 5.73 -1.59 10.43
C ALA A 248 5.44 -0.13 10.14
N GLU A 249 5.97 0.39 9.05
CA GLU A 249 5.67 1.79 8.63
C GLU A 249 4.18 1.97 8.32
N GLU A 250 3.60 1.01 7.57
CA GLU A 250 2.19 1.05 7.23
C GLU A 250 1.30 0.95 8.50
N ILE A 251 1.62 0.02 9.38
CA ILE A 251 0.80 -0.14 10.62
C ILE A 251 0.92 1.07 11.55
N SER A 252 2.14 1.62 11.71
CA SER A 252 2.33 2.86 12.49
C SER A 252 1.47 3.99 11.95
N ALA A 253 1.40 4.12 10.63
CA ALA A 253 0.62 5.19 10.01
C ALA A 253 -0.88 4.94 10.16
N ILE A 254 -1.31 3.69 10.07
CA ILE A 254 -2.72 3.36 10.28
C ILE A 254 -3.06 3.67 11.72
N GLY A 255 -2.14 3.35 12.62
CA GLY A 255 -2.34 3.65 14.02
C GLY A 255 -2.87 2.42 14.73
N LEU A 256 -2.54 2.34 16.01
CA LEU A 256 -3.02 1.27 16.84
C LEU A 256 -3.78 1.94 18.01
N PRO A 257 -5.05 2.31 17.77
CA PRO A 257 -5.81 3.12 18.72
C PRO A 257 -5.76 2.64 20.17
N GLY A 258 -5.90 1.33 20.43
CA GLY A 258 -5.93 0.83 21.82
C GLY A 258 -4.57 0.67 22.53
N LEU A 259 -3.53 1.31 22.01
CA LEU A 259 -2.24 1.28 22.65
C LEU A 259 -1.87 2.69 23.10
N ALA B 17 -11.20 -15.03 53.48
CA ALA B 17 -10.03 -14.13 53.73
C ALA B 17 -9.13 -14.10 52.50
N GLY B 18 -8.61 -15.27 52.16
CA GLY B 18 -8.10 -15.54 50.83
C GLY B 18 -9.28 -15.57 49.86
N VAL B 19 -10.38 -16.23 50.26
CA VAL B 19 -11.60 -16.24 49.44
C VAL B 19 -12.24 -14.87 49.30
N ARG B 20 -12.10 -14.02 50.32
CA ARG B 20 -12.64 -12.66 50.25
C ARG B 20 -11.93 -11.88 49.15
N SER B 21 -10.62 -11.99 49.07
CA SER B 21 -9.86 -11.31 48.02
C SER B 21 -10.22 -11.78 46.64
N VAL B 22 -10.48 -13.07 46.53
CA VAL B 22 -10.79 -13.66 45.23
C VAL B 22 -12.18 -13.19 44.79
N THR B 23 -13.16 -13.12 45.70
CA THR B 23 -14.48 -12.52 45.38
C THR B 23 -14.39 -11.07 44.93
N ARG B 24 -13.50 -10.31 45.57
CA ARG B 24 -13.27 -8.95 45.21
C ARG B 24 -12.64 -8.86 43.82
N VAL B 25 -11.71 -9.74 43.50
CA VAL B 25 -11.15 -9.74 42.16
C VAL B 25 -12.23 -10.04 41.12
N ILE B 26 -13.04 -11.04 41.37
CA ILE B 26 -14.19 -11.31 40.50
C ILE B 26 -15.15 -10.12 40.43
N ASP B 27 -15.51 -9.51 41.56
CA ASP B 27 -16.39 -8.36 41.54
C ASP B 27 -15.86 -7.20 40.67
N LEU B 28 -14.55 -7.04 40.66
CA LEU B 28 -13.92 -5.95 39.87
C LEU B 28 -13.97 -6.32 38.39
N LEU B 29 -13.61 -7.55 38.05
CA LEU B 29 -13.64 -7.97 36.64
C LEU B 29 -15.05 -7.93 36.09
N GLU B 30 -16.02 -8.23 36.92
CA GLU B 30 -17.43 -8.15 36.47
C GLU B 30 -17.86 -6.76 36.02
N LEU B 31 -17.12 -5.72 36.41
CA LEU B 31 -17.53 -4.37 36.00
C LEU B 31 -17.09 -4.08 34.54
N PHE B 32 -16.22 -4.91 33.98
CA PHE B 32 -15.84 -4.77 32.56
C PHE B 32 -16.79 -5.52 31.69
N ASP B 33 -17.38 -4.83 30.71
CA ASP B 33 -18.25 -5.52 29.79
C ASP B 33 -18.25 -4.82 28.47
N ALA B 34 -19.07 -5.28 27.54
CA ALA B 34 -18.97 -4.79 26.18
C ALA B 34 -19.24 -3.29 26.12
N ALA B 35 -20.18 -2.81 26.94
CA ALA B 35 -20.54 -1.39 26.98
C ALA B 35 -19.57 -0.53 27.78
N HIS B 36 -18.82 -1.16 28.67
CA HIS B 36 -17.82 -0.50 29.51
C HIS B 36 -16.55 -1.29 29.46
N PRO B 37 -15.86 -1.23 28.32
CA PRO B 37 -14.63 -2.02 28.13
C PRO B 37 -13.44 -1.50 28.98
N THR B 38 -13.49 -0.23 29.44
CA THR B 38 -12.45 0.30 30.33
C THR B 38 -13.15 0.94 31.50
N ARG B 39 -12.48 0.98 32.67
CA ARG B 39 -13.03 1.61 33.90
C ARG B 39 -11.91 2.35 34.56
N SER B 40 -12.21 3.51 35.13
CA SER B 40 -11.26 4.28 35.92
C SER B 40 -11.28 3.72 37.33
N LEU B 41 -10.31 4.10 38.12
CA LEU B 41 -10.27 3.64 39.50
C LEU B 41 -11.57 4.06 40.24
N LYS B 42 -12.04 5.28 40.01
CA LYS B 42 -13.28 5.78 40.64
C LYS B 42 -14.45 4.90 40.29
N GLU B 43 -14.54 4.48 39.03
CA GLU B 43 -15.60 3.55 38.67
C GLU B 43 -15.48 2.21 39.43
N LEU B 44 -14.26 1.69 39.58
CA LEU B 44 -14.08 0.39 40.27
C LEU B 44 -14.44 0.49 41.71
N VAL B 45 -14.12 1.63 42.33
CA VAL B 45 -14.57 1.88 43.74
C VAL B 45 -16.05 2.03 43.85
N GLU B 46 -16.64 2.86 42.98
CA GLU B 46 -18.12 3.06 43.00
C GLU B 46 -18.91 1.79 42.72
N GLY B 47 -18.41 0.98 41.79
CA GLY B 47 -19.12 -0.21 41.35
C GLY B 47 -19.01 -1.34 42.37
N THR B 48 -17.94 -1.38 43.12
CA THR B 48 -17.81 -2.41 44.16
C THR B 48 -18.16 -1.96 45.56
N LYS B 49 -18.17 -0.65 45.83
CA LYS B 49 -18.34 -0.11 47.17
C LYS B 49 -17.24 -0.60 48.13
N LEU B 50 -16.09 -0.98 47.56
CA LEU B 50 -14.92 -1.32 48.36
C LEU B 50 -14.13 -0.06 48.70
N PRO B 51 -13.39 -0.08 49.83
CA PRO B 51 -12.58 1.07 50.12
C PRO B 51 -11.53 1.29 49.06
N LYS B 52 -11.28 2.55 48.73
CA LYS B 52 -10.34 2.90 47.69
C LYS B 52 -8.97 2.23 47.88
N THR B 53 -8.43 2.23 49.11
CA THR B 53 -7.11 1.57 49.37
C THR B 53 -7.14 0.05 49.05
N THR B 54 -8.26 -0.60 49.31
CA THR B 54 -8.47 -2.01 48.96
C THR B 54 -8.49 -2.18 47.46
N VAL B 55 -9.26 -1.35 46.75
CA VAL B 55 -9.25 -1.41 45.27
C VAL B 55 -7.87 -1.13 44.68
N VAL B 56 -7.18 -0.10 45.19
CA VAL B 56 -5.85 0.25 44.68
C VAL B 56 -4.92 -0.96 44.83
N ARG B 57 -4.92 -1.62 45.99
CA ARG B 57 -4.06 -2.78 46.18
C ARG B 57 -4.39 -3.94 45.21
N LEU B 58 -5.67 -4.21 45.03
CA LEU B 58 -6.06 -5.33 44.13
C LEU B 58 -5.75 -5.00 42.71
N VAL B 59 -6.00 -3.74 42.30
CA VAL B 59 -5.74 -3.34 40.92
C VAL B 59 -4.21 -3.45 40.65
N ALA B 60 -3.38 -3.03 41.61
CA ALA B 60 -1.93 -3.18 41.53
C ALA B 60 -1.50 -4.63 41.24
N THR B 61 -1.98 -5.59 42.04
CA THR B 61 -1.66 -7.01 41.80
C THR B 61 -2.14 -7.47 40.43
N MSE B 62 -3.36 -7.07 40.05
CA MSE B 62 -3.93 -7.39 38.71
C MSE B 62 -3.14 -6.83 37.56
O MSE B 62 -2.90 -7.54 36.56
CB MSE B 62 -5.40 -6.87 38.69
CG MSE B 62 -6.27 -7.70 39.60
SE MSE B 62 -8.02 -6.86 40.06
CE MSE B 62 -9.04 -7.42 38.38
N CYS B 63 -2.68 -5.57 37.67
CA CYS B 63 -1.86 -4.96 36.64
C CYS B 63 -0.49 -5.68 36.59
N ALA B 64 0.11 -5.94 37.76
CA ALA B 64 1.38 -6.64 37.79
C ALA B 64 1.30 -7.97 37.06
N ARG B 65 0.13 -8.59 37.09
CA ARG B 65 -0.05 -9.88 36.45
C ARG B 65 -0.65 -9.78 35.02
N SER B 66 -0.84 -8.55 34.52
CA SER B 66 -1.42 -8.29 33.18
C SER B 66 -2.86 -8.67 33.00
N VAL B 67 -3.57 -8.86 34.11
CA VAL B 67 -5.04 -9.13 34.12
C VAL B 67 -5.70 -7.83 33.77
N LEU B 68 -5.12 -6.69 34.23
CA LEU B 68 -5.63 -5.40 33.83
C LEU B 68 -4.46 -4.64 33.26
N THR B 69 -4.73 -3.62 32.44
CA THR B 69 -3.68 -2.70 31.94
C THR B 69 -4.09 -1.27 32.20
N SER B 70 -3.16 -0.46 32.72
CA SER B 70 -3.40 0.94 33.05
C SER B 70 -3.24 1.70 31.76
N ARG B 71 -4.24 2.47 31.33
CA ARG B 71 -4.10 3.24 30.09
C ARG B 71 -3.76 4.73 30.33
N ALA B 72 -3.36 5.42 29.28
CA ALA B 72 -2.88 6.80 29.43
C ALA B 72 -3.97 7.74 29.91
N ASP B 73 -5.21 7.56 29.40
CA ASP B 73 -6.39 8.29 29.85
C ASP B 73 -6.82 7.96 31.27
N GLY B 74 -5.94 7.36 32.07
CA GLY B 74 -6.22 7.07 33.49
C GLY B 74 -7.06 5.82 33.78
N SER B 75 -7.69 5.27 32.74
CA SER B 75 -8.55 4.15 32.90
C SER B 75 -7.78 2.82 32.77
N TYR B 76 -8.48 1.71 33.04
CA TYR B 76 -7.93 0.37 32.95
C TYR B 76 -8.75 -0.38 31.94
N SER B 77 -8.11 -1.24 31.14
CA SER B 77 -8.85 -2.24 30.37
C SER B 77 -8.47 -3.60 30.92
N LEU B 78 -9.06 -4.66 30.38
CA LEU B 78 -8.62 -6.03 30.68
C LEU B 78 -7.27 -6.09 30.01
N GLY B 79 -6.34 -6.83 30.60
CA GLY B 79 -4.95 -6.78 30.07
C GLY B 79 -4.59 -8.04 29.33
N PRO B 80 -3.38 -8.09 28.77
CA PRO B 80 -3.00 -9.14 27.81
C PRO B 80 -3.03 -10.52 28.38
N GLU B 81 -2.95 -10.64 29.72
CA GLU B 81 -3.08 -11.97 30.33
C GLU B 81 -4.30 -12.68 29.83
N MSE B 82 -5.38 -11.92 29.71
CA MSE B 82 -6.66 -12.60 29.44
C MSE B 82 -6.65 -13.25 28.05
O MSE B 82 -7.45 -14.11 27.75
CB MSE B 82 -7.84 -11.59 29.54
CG MSE B 82 -7.88 -10.76 30.82
SE MSE B 82 -8.05 -12.03 32.34
CE MSE B 82 -9.48 -12.98 31.58
N LEU B 83 -5.77 -12.78 27.18
CA LEU B 83 -5.66 -13.27 25.79
C LEU B 83 -5.11 -14.68 25.77
N ARG B 84 -4.53 -15.12 26.87
CA ARG B 84 -3.93 -16.46 26.85
C ARG B 84 -4.97 -17.55 26.83
N TRP B 85 -6.26 -17.19 27.05
CA TRP B 85 -7.34 -18.21 26.94
C TRP B 85 -8.16 -18.11 25.65
N VAL B 86 -7.78 -17.19 24.77
CA VAL B 86 -8.46 -16.98 23.50
C VAL B 86 -8.48 -18.22 22.65
N ARG B 87 -7.33 -18.87 22.48
CA ARG B 87 -7.28 -20.09 21.61
C ARG B 87 -8.12 -21.22 22.20
N LEU B 88 -7.99 -21.46 23.49
CA LEU B 88 -8.83 -22.45 24.18
C LEU B 88 -10.36 -22.13 24.00
N ALA B 89 -10.76 -20.89 24.26
CA ALA B 89 -12.19 -20.50 24.12
C ALA B 89 -12.73 -20.81 22.70
N GLY B 90 -11.94 -20.46 21.70
CA GLY B 90 -12.32 -20.67 20.28
C GLY B 90 -12.50 -22.15 19.92
N ARG B 91 -11.55 -22.96 20.35
CA ARG B 91 -11.57 -24.39 20.08
C ARG B 91 -12.68 -25.14 20.79
N THR B 92 -13.11 -24.65 21.94
CA THR B 92 -14.12 -25.37 22.69
C THR B 92 -15.48 -24.72 22.62
N TRP B 93 -15.62 -23.60 21.90
CA TRP B 93 -16.91 -22.96 21.78
C TRP B 93 -17.91 -23.94 21.16
N ALA B 94 -19.14 -23.99 21.67
CA ALA B 94 -20.21 -24.75 21.05
C ALA B 94 -21.48 -24.00 21.34
N PRO B 95 -22.52 -24.11 20.47
CA PRO B 95 -23.81 -23.48 20.85
C PRO B 95 -24.42 -24.16 22.08
N PRO B 96 -25.39 -23.52 22.75
CA PRO B 96 -26.08 -24.29 23.79
C PRO B 96 -26.61 -25.60 23.20
N GLU B 97 -26.60 -26.68 23.98
CA GLU B 97 -27.04 -27.98 23.48
C GLU B 97 -28.49 -27.90 22.97
N GLU B 98 -29.33 -27.06 23.58
CA GLU B 98 -30.70 -26.83 23.08
C GLU B 98 -30.75 -26.16 21.72
N VAL B 99 -29.75 -25.34 21.42
CA VAL B 99 -29.65 -24.77 20.07
C VAL B 99 -29.21 -25.86 19.07
N VAL B 100 -28.25 -26.69 19.44
CA VAL B 100 -27.89 -27.84 18.58
C VAL B 100 -29.10 -28.77 18.33
N ASP B 101 -29.87 -29.07 19.37
CA ASP B 101 -31.14 -29.82 19.17
C ASP B 101 -32.05 -29.16 18.11
N ILE B 102 -32.22 -27.85 18.19
CA ILE B 102 -33.09 -27.17 17.20
C ILE B 102 -32.51 -27.31 15.79
N MSE B 103 -31.20 -27.17 15.65
CA MSE B 103 -30.56 -27.28 14.33
C MSE B 103 -30.68 -28.69 13.80
O MSE B 103 -30.88 -28.93 12.60
CB MSE B 103 -29.08 -26.91 14.47
CG MSE B 103 -28.82 -25.48 14.88
SE MSE B 103 -26.87 -25.16 15.15
CE MSE B 103 -26.11 -25.66 13.40
N ARG B 104 -30.53 -29.66 14.69
CA ARG B 104 -30.66 -31.06 14.32
C ARG B 104 -32.07 -31.35 13.82
N GLN B 105 -33.07 -30.86 14.56
CA GLN B 105 -34.44 -31.09 14.12
C GLN B 105 -34.75 -30.39 12.77
N LEU B 106 -34.25 -29.19 12.59
CA LEU B 106 -34.38 -28.46 11.32
C LEU B 106 -33.77 -29.27 10.20
N SER B 107 -32.60 -29.84 10.43
CA SER B 107 -31.99 -30.71 9.40
C SER B 107 -32.90 -31.91 9.06
N ALA B 108 -33.45 -32.55 10.08
CA ALA B 108 -34.39 -33.66 9.87
C ALA B 108 -35.63 -33.20 9.14
N ASP B 109 -36.14 -32.01 9.50
CA ASP B 109 -37.41 -31.51 8.97
C ASP B 109 -37.24 -31.06 7.50
N THR B 110 -36.05 -30.55 7.13
CA THR B 110 -35.89 -30.05 5.76
C THR B 110 -35.16 -31.03 4.84
N GLY B 111 -34.34 -31.92 5.42
CA GLY B 111 -33.54 -32.85 4.62
C GLY B 111 -32.23 -32.24 4.15
N GLU B 112 -31.95 -31.03 4.66
CA GLU B 112 -30.76 -30.27 4.28
C GLU B 112 -29.79 -30.07 5.44
N THR B 113 -28.52 -29.88 5.09
CA THR B 113 -27.48 -29.55 6.06
C THR B 113 -27.76 -28.17 6.61
N VAL B 114 -27.68 -28.02 7.94
CA VAL B 114 -27.92 -26.77 8.62
C VAL B 114 -26.58 -26.26 9.10
N ASN B 115 -26.18 -25.05 8.65
CA ASN B 115 -24.87 -24.44 9.02
C ASN B 115 -25.12 -23.21 9.87
N LEU B 116 -24.35 -23.01 10.94
CA LEU B 116 -24.46 -21.78 11.70
C LEU B 116 -23.21 -21.02 11.35
N TYR B 117 -23.36 -19.87 10.70
CA TYR B 117 -22.18 -19.11 10.26
C TYR B 117 -22.02 -17.86 11.06
N ILE B 118 -20.76 -17.42 11.27
CA ILE B 118 -20.49 -16.07 11.71
C ILE B 118 -19.56 -15.37 10.72
N ARG B 119 -19.32 -14.07 10.93
CA ARG B 119 -18.38 -13.34 10.14
C ARG B 119 -17.11 -13.24 10.96
N GLN B 120 -15.99 -13.42 10.27
CA GLN B 120 -14.70 -13.21 10.83
C GLN B 120 -13.94 -12.43 9.79
N GLY B 121 -13.68 -11.17 10.07
CA GLY B 121 -13.08 -10.24 9.09
C GLY B 121 -14.03 -10.13 7.90
N LEU B 122 -13.50 -10.31 6.69
CA LEU B 122 -14.32 -10.26 5.48
C LEU B 122 -14.72 -11.67 4.99
N SER B 123 -14.87 -12.61 5.92
CA SER B 123 -15.15 -13.99 5.58
C SER B 123 -16.32 -14.49 6.40
N ARG B 124 -16.94 -15.59 5.95
CA ARG B 124 -17.93 -16.33 6.70
C ARG B 124 -17.31 -17.67 7.07
N VAL B 125 -17.67 -18.16 8.26
CA VAL B 125 -17.09 -19.35 8.86
C VAL B 125 -18.22 -20.12 9.47
N VAL B 126 -18.28 -21.40 9.15
CA VAL B 126 -19.25 -22.30 9.80
C VAL B 126 -18.67 -22.69 11.13
N VAL B 127 -19.42 -22.39 12.18
CA VAL B 127 -18.93 -22.68 13.52
C VAL B 127 -19.73 -23.75 14.24
N ALA B 128 -20.89 -24.10 13.68
CA ALA B 128 -21.57 -25.33 14.05
C ALA B 128 -22.41 -25.82 12.88
N GLN B 129 -22.65 -27.15 12.82
CA GLN B 129 -23.26 -27.74 11.62
C GLN B 129 -24.05 -28.99 11.97
N CYS B 130 -25.21 -29.19 11.36
CA CYS B 130 -25.92 -30.46 11.47
C CYS B 130 -26.18 -30.96 10.07
N GLU B 131 -25.46 -32.01 9.67
CA GLU B 131 -25.60 -32.51 8.31
C GLU B 131 -26.86 -33.34 8.19
N SER B 132 -27.49 -33.30 7.03
CA SER B 132 -28.60 -34.20 6.77
C SER B 132 -28.06 -35.59 6.35
N THR B 133 -28.95 -36.54 6.12
CA THR B 133 -28.54 -37.88 5.72
C THR B 133 -28.62 -38.06 4.20
N ALA B 134 -28.93 -36.99 3.48
CA ALA B 134 -29.13 -37.11 2.03
C ALA B 134 -27.77 -37.44 1.43
N THR B 135 -27.72 -38.23 0.38
CA THR B 135 -26.40 -38.62 -0.20
C THR B 135 -25.74 -37.48 -0.97
N VAL B 136 -26.56 -36.58 -1.52
CA VAL B 136 -26.07 -35.30 -2.07
C VAL B 136 -26.50 -34.12 -1.17
N ARG B 137 -25.53 -33.44 -0.57
CA ARG B 137 -25.86 -32.44 0.41
C ARG B 137 -24.76 -31.43 0.47
N SER B 138 -24.97 -30.36 1.23
CA SER B 138 -23.88 -29.41 1.51
C SER B 138 -23.00 -30.01 2.58
N VAL B 139 -21.69 -29.98 2.35
CA VAL B 139 -20.75 -30.54 3.30
C VAL B 139 -19.57 -29.56 3.54
N ILE B 140 -19.87 -28.27 3.58
CA ILE B 140 -18.88 -27.21 3.89
C ILE B 140 -18.08 -27.47 5.18
N PRO B 141 -16.74 -27.43 5.13
CA PRO B 141 -15.98 -27.64 6.35
C PRO B 141 -16.10 -26.57 7.43
N LEU B 142 -16.07 -27.00 8.69
CA LEU B 142 -16.14 -26.11 9.84
C LEU B 142 -14.86 -25.30 10.01
N GLY B 143 -14.99 -24.03 10.37
CA GLY B 143 -13.82 -23.23 10.71
C GLY B 143 -12.92 -22.85 9.54
N VAL B 144 -13.40 -23.06 8.31
CA VAL B 144 -12.65 -22.64 7.12
C VAL B 144 -13.28 -21.34 6.59
N PRO B 145 -12.51 -20.23 6.45
CA PRO B 145 -13.13 -19.00 5.97
C PRO B 145 -13.49 -19.07 4.49
N TYR B 146 -14.72 -18.67 4.17
CA TYR B 146 -15.20 -18.55 2.81
C TYR B 146 -15.65 -17.10 2.58
N PRO B 147 -15.78 -16.70 1.30
CA PRO B 147 -16.05 -15.29 1.01
C PRO B 147 -17.42 -14.85 1.48
N LEU B 148 -17.62 -13.54 1.59
CA LEU B 148 -18.95 -13.02 1.99
C LEU B 148 -19.74 -12.55 0.76
N TRP B 149 -19.11 -12.60 -0.42
CA TRP B 149 -19.69 -12.01 -1.66
C TRP B 149 -20.59 -12.98 -2.43
N ALA B 150 -20.52 -14.28 -2.11
CA ALA B 150 -21.37 -15.29 -2.73
C ALA B 150 -22.19 -16.05 -1.69
N GLY B 151 -23.49 -16.23 -1.94
CA GLY B 151 -24.37 -17.10 -1.14
C GLY B 151 -25.22 -16.33 -0.13
N ALA B 152 -26.20 -17.03 0.46
CA ALA B 152 -27.22 -16.45 1.31
C ALA B 152 -26.66 -15.99 2.65
N ALA B 153 -25.86 -16.83 3.30
CA ALA B 153 -25.30 -16.52 4.61
C ALA B 153 -24.49 -15.23 4.56
N GLY B 154 -23.65 -15.05 3.53
CA GLY B 154 -22.82 -13.85 3.43
C GLY B 154 -23.65 -12.57 3.48
N LYS B 155 -24.73 -12.51 2.69
CA LYS B 155 -25.60 -11.33 2.70
C LYS B 155 -26.39 -11.13 4.00
N ILE B 156 -26.66 -12.21 4.73
CA ILE B 156 -27.29 -12.07 6.06
C ILE B 156 -26.25 -11.48 7.02
N LEU B 157 -25.01 -12.01 7.04
CA LEU B 157 -23.98 -11.47 7.93
C LEU B 157 -23.70 -10.01 7.65
N LEU B 158 -23.82 -9.58 6.38
CA LEU B 158 -23.48 -8.19 6.04
C LEU B 158 -24.57 -7.24 6.50
N LEU B 159 -25.68 -7.77 7.03
CA LEU B 159 -26.74 -6.94 7.64
C LEU B 159 -26.17 -6.17 8.81
N ALA B 160 -25.27 -6.80 9.56
CA ALA B 160 -24.62 -6.09 10.67
C ALA B 160 -23.39 -5.27 10.27
N ALA B 161 -22.96 -5.34 9.01
CA ALA B 161 -21.72 -4.67 8.64
C ALA B 161 -21.79 -4.03 7.27
N PRO B 162 -22.65 -3.00 7.09
CA PRO B 162 -22.74 -2.33 5.81
C PRO B 162 -21.44 -1.59 5.47
N GLU B 163 -20.62 -1.26 6.48
CA GLU B 163 -19.38 -0.52 6.22
C GLU B 163 -18.34 -1.40 5.52
N LEU B 164 -18.60 -2.72 5.49
CA LEU B 164 -17.68 -3.67 4.89
C LEU B 164 -18.05 -4.08 3.47
N ILE B 165 -19.22 -3.67 3.00
CA ILE B 165 -19.72 -4.14 1.71
C ILE B 165 -18.75 -3.84 0.54
N ASP B 166 -18.26 -2.61 0.48
CA ASP B 166 -17.34 -2.23 -0.60
C ASP B 166 -16.11 -3.13 -0.65
N ASP B 167 -15.51 -3.40 0.51
CA ASP B 167 -14.28 -4.17 0.56
C ASP B 167 -14.53 -5.63 0.17
N VAL B 168 -15.62 -6.19 0.67
CA VAL B 168 -16.08 -7.52 0.29
C VAL B 168 -16.31 -7.58 -1.22
N ALA B 169 -16.83 -6.49 -1.79
CA ALA B 169 -17.15 -6.42 -3.22
C ALA B 169 -15.88 -6.38 -4.06
N ALA B 170 -14.86 -5.68 -3.57
CA ALA B 170 -13.55 -5.59 -4.23
C ALA B 170 -12.81 -6.93 -4.18
N ASP B 171 -13.17 -7.77 -3.21
CA ASP B 171 -12.60 -9.10 -3.05
C ASP B 171 -13.18 -10.09 -4.02
N SER B 172 -14.35 -9.80 -4.58
CA SER B 172 -14.98 -10.74 -5.50
C SER B 172 -14.23 -10.79 -6.84
N PRO B 173 -14.55 -11.78 -7.69
CA PRO B 173 -14.01 -11.73 -9.04
C PRO B 173 -14.78 -10.79 -9.99
N HIS B 174 -15.78 -10.07 -9.47
CA HIS B 174 -16.67 -9.24 -10.30
C HIS B 174 -16.16 -7.84 -10.67
N GLY B 175 -16.85 -7.20 -11.62
CA GLY B 175 -16.48 -5.85 -12.07
C GLY B 175 -16.87 -4.75 -11.07
N PRO B 176 -16.56 -3.47 -11.40
CA PRO B 176 -16.70 -2.32 -10.48
C PRO B 176 -18.14 -1.89 -10.15
N GLU B 177 -19.10 -2.26 -11.05
CA GLU B 177 -20.54 -1.99 -10.77
C GLU B 177 -21.15 -2.94 -9.71
N PHE B 178 -20.36 -3.97 -9.23
CA PHE B 178 -20.85 -4.97 -8.28
C PHE B 178 -21.01 -4.56 -6.78
N ALA B 179 -20.34 -3.48 -6.36
CA ALA B 179 -20.45 -3.01 -4.96
C ALA B 179 -21.93 -2.65 -4.69
N ASP B 180 -22.44 -1.77 -5.53
CA ASP B 180 -23.83 -1.33 -5.55
C ASP B 180 -24.84 -2.46 -5.57
N GLN B 181 -24.58 -3.51 -6.38
CA GLN B 181 -25.45 -4.67 -6.51
C GLN B 181 -25.55 -5.43 -5.18
N LEU B 182 -24.40 -5.85 -4.65
CA LEU B 182 -24.32 -6.46 -3.35
C LEU B 182 -25.05 -5.65 -2.27
N ARG B 183 -24.82 -4.34 -2.20
CA ARG B 183 -25.50 -3.44 -1.24
C ARG B 183 -27.03 -3.54 -1.34
N GLU B 184 -27.54 -3.67 -2.57
CA GLU B 184 -29.00 -3.69 -2.80
C GLU B 184 -29.59 -5.03 -2.36
N LYS B 185 -28.90 -6.11 -2.69
CA LYS B 185 -29.37 -7.44 -2.28
C LYS B 185 -29.35 -7.59 -0.75
N VAL B 186 -28.31 -7.04 -0.08
CA VAL B 186 -28.29 -7.10 1.39
C VAL B 186 -29.54 -6.40 1.96
N GLU B 187 -29.88 -5.25 1.40
CA GLU B 187 -31.09 -4.52 1.81
C GLU B 187 -32.42 -5.27 1.60
N ASP B 188 -32.56 -5.90 0.44
CA ASP B 188 -33.68 -6.81 0.14
C ASP B 188 -33.81 -7.90 1.22
N GLY B 189 -32.69 -8.45 1.66
CA GLY B 189 -32.73 -9.40 2.77
C GLY B 189 -33.26 -8.79 4.06
N ARG B 190 -32.96 -7.51 4.31
CA ARG B 190 -33.35 -6.88 5.57
C ARG B 190 -34.88 -6.74 5.62
N GLU B 191 -35.44 -6.31 4.49
CA GLU B 191 -36.88 -6.15 4.29
C GLU B 191 -37.63 -7.46 4.42
N ARG B 192 -37.19 -8.48 3.68
CA ARG B 192 -37.85 -9.81 3.66
C ARG B 192 -37.66 -10.65 4.92
N GLY B 193 -36.47 -10.55 5.53
CA GLY B 193 -36.16 -11.26 6.77
C GLY B 193 -35.29 -12.48 6.55
N TYR B 194 -34.98 -12.76 5.29
CA TYR B 194 -34.12 -13.88 4.95
C TYR B 194 -33.55 -13.72 3.55
N GLN B 195 -32.59 -14.57 3.24
CA GLN B 195 -31.99 -14.65 1.90
C GLN B 195 -32.19 -16.04 1.32
N LEU B 196 -32.64 -16.11 0.08
CA LEU B 196 -32.79 -17.38 -0.61
C LEU B 196 -32.15 -17.18 -2.00
N VAL B 197 -31.03 -17.85 -2.25
CA VAL B 197 -30.25 -17.60 -3.47
C VAL B 197 -29.94 -18.94 -4.15
N HIS B 198 -29.72 -18.91 -5.46
CA HIS B 198 -29.42 -20.12 -6.25
C HIS B 198 -28.17 -19.96 -7.10
N GLY B 199 -27.22 -20.87 -7.01
CA GLY B 199 -26.13 -20.90 -7.97
C GLY B 199 -25.14 -19.74 -7.84
N GLU B 200 -25.08 -19.15 -6.64
CA GLU B 200 -24.11 -18.09 -6.42
C GLU B 200 -22.76 -18.66 -6.07
N ARG B 201 -22.73 -19.57 -5.08
CA ARG B 201 -21.51 -20.20 -4.60
C ARG B 201 -20.91 -21.14 -5.64
N GLU B 202 -21.76 -21.99 -6.21
CA GLU B 202 -21.35 -22.92 -7.26
C GLU B 202 -22.61 -23.40 -7.96
N LEU B 203 -22.45 -23.86 -9.19
CA LEU B 203 -23.57 -24.37 -9.96
C LEU B 203 -24.16 -25.56 -9.23
N GLY B 204 -25.48 -25.63 -9.16
CA GLY B 204 -26.18 -26.73 -8.52
C GLY B 204 -26.39 -26.54 -7.03
N SER B 205 -25.91 -25.46 -6.42
CA SER B 205 -26.14 -25.21 -4.99
C SER B 205 -27.10 -24.05 -4.75
N SER B 206 -27.82 -24.09 -3.62
CA SER B 206 -28.76 -23.04 -3.23
C SER B 206 -28.65 -22.91 -1.75
N GLY B 207 -29.13 -21.80 -1.22
CA GLY B 207 -28.99 -21.56 0.21
C GLY B 207 -30.14 -20.72 0.69
N LEU B 208 -30.63 -21.00 1.88
CA LEU B 208 -31.61 -20.11 2.54
C LEU B 208 -30.97 -19.74 3.87
N SER B 209 -30.90 -18.45 4.21
CA SER B 209 -30.29 -18.00 5.47
C SER B 209 -31.20 -17.07 6.25
N PHE B 210 -31.30 -17.26 7.56
CA PHE B 210 -32.05 -16.33 8.43
C PHE B 210 -31.05 -15.72 9.41
N PRO B 211 -31.30 -14.45 9.85
CA PRO B 211 -30.41 -13.89 10.85
C PRO B 211 -30.68 -14.51 12.22
N LEU B 212 -29.60 -14.69 12.97
CA LEU B 212 -29.72 -14.94 14.41
C LEU B 212 -29.21 -13.67 15.09
N VAL B 213 -29.91 -13.20 16.14
CA VAL B 213 -29.61 -11.90 16.76
C VAL B 213 -29.30 -12.02 18.25
N ASP B 214 -28.56 -11.04 18.79
CA ASP B 214 -28.43 -10.93 20.22
C ASP B 214 -29.71 -10.34 20.85
N SER B 215 -29.74 -10.20 22.16
CA SER B 215 -30.89 -9.58 22.81
C SER B 215 -31.29 -8.21 22.21
N HIS B 216 -30.30 -7.43 21.76
CA HIS B 216 -30.54 -6.10 21.15
C HIS B 216 -31.18 -6.18 19.76
N GLY B 217 -30.96 -7.30 19.05
CA GLY B 217 -31.53 -7.47 17.72
C GLY B 217 -30.43 -7.34 16.68
N THR B 218 -29.17 -7.19 17.13
CA THR B 218 -28.04 -7.15 16.20
C THR B 218 -27.79 -8.57 15.62
N VAL B 219 -27.52 -8.65 14.32
CA VAL B 219 -27.25 -9.96 13.67
C VAL B 219 -25.88 -10.42 14.06
N VAL B 220 -25.82 -11.56 14.74
CA VAL B 220 -24.53 -12.10 15.21
C VAL B 220 -24.18 -13.39 14.45
N ALA B 221 -25.13 -13.98 13.76
CA ALA B 221 -24.86 -15.23 13.04
C ALA B 221 -25.96 -15.40 12.02
N ALA B 222 -25.79 -16.38 11.14
CA ALA B 222 -26.78 -16.62 10.08
C ALA B 222 -27.11 -18.11 10.10
N LEU B 223 -28.35 -18.45 10.41
CA LEU B 223 -28.76 -19.83 10.40
C LEU B 223 -29.08 -20.22 8.94
N THR B 224 -28.36 -21.21 8.40
CA THR B 224 -28.39 -21.39 6.97
C THR B 224 -28.64 -22.85 6.52
N LEU B 225 -29.54 -23.04 5.54
CA LEU B 225 -29.68 -24.34 4.81
C LEU B 225 -28.91 -24.24 3.51
N GLY B 226 -28.10 -25.23 3.14
CA GLY B 226 -27.51 -25.26 1.80
C GLY B 226 -27.68 -26.65 1.28
N GLY B 227 -27.92 -26.75 -0.02
CA GLY B 227 -28.07 -28.05 -0.62
C GLY B 227 -28.24 -27.93 -2.11
N PRO B 228 -28.61 -29.04 -2.76
CA PRO B 228 -28.83 -29.04 -4.20
C PRO B 228 -30.02 -28.17 -4.60
N THR B 229 -29.85 -27.38 -5.66
CA THR B 229 -30.92 -26.47 -6.16
C THR B 229 -32.21 -27.23 -6.45
N GLY B 230 -32.07 -28.47 -6.89
CA GLY B 230 -33.22 -29.28 -7.26
C GLY B 230 -34.13 -29.64 -6.09
N ARG B 231 -33.68 -29.40 -4.83
CA ARG B 231 -34.52 -29.62 -3.66
C ARG B 231 -35.12 -28.32 -3.12
N PHE B 232 -34.57 -27.20 -3.57
CA PHE B 232 -35.07 -25.87 -3.21
C PHE B 232 -36.04 -25.44 -4.28
N THR B 233 -37.11 -26.22 -4.39
CA THR B 233 -38.14 -26.01 -5.38
C THR B 233 -39.31 -25.16 -4.85
N GLU B 234 -40.12 -24.65 -5.78
CA GLU B 234 -41.38 -23.97 -5.50
C GLU B 234 -42.27 -24.72 -4.48
N ASP B 235 -42.35 -26.04 -4.59
CA ASP B 235 -43.08 -26.88 -3.61
C ASP B 235 -42.39 -26.96 -2.25
N ARG B 236 -41.06 -26.95 -2.24
CA ARG B 236 -40.35 -27.20 -1.01
C ARG B 236 -39.98 -25.95 -0.26
N THR B 237 -39.66 -24.87 -0.98
CA THR B 237 -39.10 -23.72 -0.26
C THR B 237 -40.04 -23.07 0.76
N PRO B 238 -41.36 -22.97 0.48
CA PRO B 238 -42.20 -22.41 1.59
C PRO B 238 -41.98 -23.13 2.94
N HIS B 239 -41.83 -24.45 2.93
CA HIS B 239 -41.71 -25.26 4.15
CA HIS B 239 -41.72 -25.22 4.16
C HIS B 239 -40.30 -25.07 4.71
N TYR B 240 -39.30 -25.02 3.83
CA TYR B 240 -37.93 -24.68 4.23
C TYR B 240 -37.92 -23.37 4.94
N ILE B 241 -38.48 -22.35 4.32
CA ILE B 241 -38.63 -21.01 4.97
C ILE B 241 -39.40 -21.07 6.33
N GLU B 242 -40.56 -21.74 6.37
CA GLU B 242 -41.33 -21.86 7.61
C GLU B 242 -40.55 -22.55 8.72
N CYS B 243 -39.86 -23.65 8.43
CA CYS B 243 -39.04 -24.33 9.45
C CYS B 243 -37.85 -23.49 9.87
N THR B 244 -37.17 -22.86 8.91
CA THR B 244 -35.95 -22.14 9.25
C THR B 244 -36.30 -20.88 10.02
N ARG B 245 -37.44 -20.26 9.70
CA ARG B 245 -37.89 -19.06 10.41
C ARG B 245 -38.14 -19.37 11.86
N ALA B 246 -38.86 -20.45 12.13
CA ALA B 246 -39.17 -20.85 13.52
C ALA B 246 -37.91 -21.16 14.29
N ALA B 247 -37.00 -21.90 13.68
CA ALA B 247 -35.75 -22.31 14.35
C ALA B 247 -34.92 -21.11 14.70
N ALA B 248 -34.79 -20.18 13.74
CA ALA B 248 -34.03 -18.95 14.01
C ALA B 248 -34.62 -18.17 15.21
N GLU B 249 -35.94 -18.08 15.22
CA GLU B 249 -36.63 -17.34 16.27
C GLU B 249 -36.32 -18.00 17.61
N GLU B 250 -36.46 -19.34 17.66
CA GLU B 250 -36.20 -20.12 18.89
C GLU B 250 -34.76 -20.02 19.37
N ILE B 251 -33.80 -20.11 18.45
CA ILE B 251 -32.37 -19.98 18.77
C ILE B 251 -32.02 -18.56 19.27
N SER B 252 -32.57 -17.55 18.63
CA SER B 252 -32.34 -16.18 19.08
C SER B 252 -32.98 -16.01 20.47
N ALA B 253 -34.14 -16.63 20.70
CA ALA B 253 -34.75 -16.55 22.06
C ALA B 253 -33.87 -17.14 23.14
N ILE B 254 -33.26 -18.29 22.86
CA ILE B 254 -32.34 -18.98 23.78
C ILE B 254 -31.07 -18.16 23.95
N GLY B 255 -30.46 -17.75 22.83
CA GLY B 255 -29.31 -16.89 22.90
C GLY B 255 -28.04 -17.65 22.56
N LEU B 256 -27.00 -16.94 22.10
CA LEU B 256 -25.78 -17.61 21.67
C LEU B 256 -24.59 -17.03 22.43
N PRO B 257 -24.41 -17.47 23.70
CA PRO B 257 -23.31 -16.98 24.53
C PRO B 257 -21.98 -17.17 23.79
N GLY B 258 -21.17 -16.14 23.71
CA GLY B 258 -19.92 -16.29 22.95
C GLY B 258 -19.96 -15.61 21.61
N LEU B 259 -21.17 -15.51 21.04
CA LEU B 259 -21.47 -14.76 19.83
C LEU B 259 -22.40 -13.64 20.24
N ASP B 260 -23.45 -14.02 20.98
CA ASP B 260 -24.35 -13.20 21.84
C ASP B 260 -25.83 -13.58 21.82
N THR C 6 -17.66 22.22 -29.87
CA THR C 6 -18.86 22.69 -29.12
C THR C 6 -18.52 22.99 -27.67
N ASP C 7 -17.98 21.99 -26.96
CA ASP C 7 -17.48 22.17 -25.59
C ASP C 7 -16.48 23.31 -25.54
N SER C 8 -16.64 24.17 -24.53
CA SER C 8 -15.75 25.30 -24.27
C SER C 8 -14.32 24.84 -23.92
N ALA C 9 -14.20 23.70 -23.21
CA ALA C 9 -12.90 23.08 -22.90
C ALA C 9 -12.96 21.60 -23.29
N GLU C 10 -11.98 21.10 -24.05
CA GLU C 10 -12.05 19.66 -24.36
C GLU C 10 -11.96 18.86 -23.07
N LYS C 11 -12.89 17.93 -22.89
CA LYS C 11 -12.87 17.04 -21.72
C LYS C 11 -11.93 15.84 -21.92
N PRO C 12 -11.01 15.59 -20.95
CA PRO C 12 -10.20 14.35 -21.01
C PRO C 12 -11.09 13.08 -21.03
N ALA C 13 -10.58 11.99 -21.60
CA ALA C 13 -11.29 10.73 -21.52
C ALA C 13 -11.46 10.31 -20.03
N VAL C 14 -12.62 9.72 -19.73
CA VAL C 14 -12.87 9.10 -18.42
C VAL C 14 -12.51 7.63 -18.55
N ALA C 15 -11.68 7.17 -17.61
CA ALA C 15 -11.30 5.76 -17.59
C ALA C 15 -12.54 4.92 -17.24
N ASP C 16 -12.73 3.85 -18.02
CA ASP C 16 -13.73 2.83 -17.73
C ASP C 16 -13.33 2.19 -16.39
N ALA C 17 -14.34 1.81 -15.59
CA ALA C 17 -14.08 1.18 -14.29
C ALA C 17 -13.18 -0.07 -14.44
N GLY C 18 -12.44 -0.43 -13.39
CA GLY C 18 -11.51 -1.58 -13.43
C GLY C 18 -11.22 -2.08 -12.03
N VAL C 19 -10.11 -2.82 -11.85
CA VAL C 19 -9.65 -3.30 -10.52
C VAL C 19 -9.48 -2.13 -9.55
N ARG C 20 -10.16 -2.20 -8.40
CA ARG C 20 -10.25 -1.06 -7.47
C ARG C 20 -8.89 -0.50 -7.04
N SER C 21 -7.95 -1.38 -6.70
CA SER C 21 -6.71 -0.94 -6.12
C SER C 21 -5.93 -0.14 -7.17
N VAL C 22 -5.91 -0.61 -8.42
CA VAL C 22 -5.23 0.10 -9.51
C VAL C 22 -5.88 1.47 -9.70
N THR C 23 -7.21 1.46 -9.81
CA THR C 23 -7.96 2.69 -10.03
C THR C 23 -7.64 3.70 -8.95
N ARG C 24 -7.60 3.25 -7.70
CA ARG C 24 -7.38 4.11 -6.54
C ARG C 24 -5.99 4.68 -6.52
N VAL C 25 -5.00 3.81 -6.74
CA VAL C 25 -3.60 4.23 -6.83
C VAL C 25 -3.38 5.31 -7.88
N ILE C 26 -3.94 5.08 -9.06
CA ILE C 26 -3.75 5.97 -10.20
C ILE C 26 -4.55 7.27 -10.00
N ASP C 27 -5.80 7.13 -9.58
CA ASP C 27 -6.58 8.32 -9.21
C ASP C 27 -5.79 9.16 -8.23
N LEU C 28 -5.27 8.54 -7.16
CA LEU C 28 -4.44 9.24 -6.17
C LEU C 28 -3.29 9.97 -6.83
N LEU C 29 -2.57 9.28 -7.70
CA LEU C 29 -1.37 9.85 -8.28
C LEU C 29 -1.69 10.97 -9.24
N GLU C 30 -2.84 10.87 -9.92
CA GLU C 30 -3.23 11.89 -10.92
C GLU C 30 -3.58 13.24 -10.29
N LEU C 31 -3.68 13.29 -8.97
CA LEU C 31 -3.89 14.57 -8.28
C LEU C 31 -2.61 15.39 -8.14
N PHE C 32 -1.48 14.73 -8.31
CA PHE C 32 -0.21 15.46 -8.34
C PHE C 32 0.08 15.93 -9.76
N ASP C 33 0.16 17.23 -9.96
CA ASP C 33 0.51 17.79 -11.24
C ASP C 33 1.37 19.05 -11.04
N ALA C 34 1.82 19.68 -12.12
CA ALA C 34 2.69 20.85 -11.97
C ALA C 34 2.08 21.95 -11.08
N ALA C 35 0.77 22.20 -11.27
CA ALA C 35 0.02 23.17 -10.44
C ALA C 35 -0.18 22.74 -8.97
N HIS C 36 -0.10 21.43 -8.70
CA HIS C 36 -0.23 20.89 -7.34
C HIS C 36 0.90 19.91 -7.07
N PRO C 37 2.12 20.42 -6.84
CA PRO C 37 3.24 19.52 -6.58
C PRO C 37 3.13 18.78 -5.28
N THR C 38 2.39 19.31 -4.31
CA THR C 38 2.23 18.63 -3.03
C THR C 38 0.76 18.53 -2.64
N ARG C 39 0.44 17.61 -1.74
CA ARG C 39 -0.94 17.31 -1.40
C ARG C 39 -1.08 16.94 0.07
N SER C 40 -1.98 17.64 0.77
CA SER C 40 -2.46 17.20 2.07
C SER C 40 -3.32 15.94 1.94
N LEU C 41 -3.45 15.21 3.04
CA LEU C 41 -4.47 14.17 3.15
C LEU C 41 -5.88 14.73 2.94
N LYS C 42 -6.16 15.84 3.61
CA LYS C 42 -7.40 16.58 3.37
C LYS C 42 -7.67 16.75 1.89
N GLU C 43 -6.66 17.21 1.16
CA GLU C 43 -6.76 17.39 -0.28
C GLU C 43 -6.86 16.05 -1.00
N LEU C 44 -6.12 15.06 -0.49
CA LEU C 44 -6.09 13.73 -1.10
C LEU C 44 -7.39 12.98 -0.86
N VAL C 45 -8.11 13.38 0.18
CA VAL C 45 -9.43 12.81 0.45
C VAL C 45 -10.50 13.41 -0.46
N GLU C 46 -10.64 14.73 -0.42
CA GLU C 46 -11.63 15.42 -1.22
C GLU C 46 -11.41 15.18 -2.70
N GLY C 47 -10.15 14.95 -3.08
CA GLY C 47 -9.78 14.79 -4.47
C GLY C 47 -10.23 13.45 -5.04
N THR C 48 -10.19 12.42 -4.20
CA THR C 48 -10.49 11.06 -4.65
C THR C 48 -11.91 10.65 -4.26
N LYS C 49 -12.48 11.36 -3.28
CA LYS C 49 -13.79 11.00 -2.75
C LYS C 49 -13.77 9.61 -2.14
N LEU C 50 -12.60 9.17 -1.70
CA LEU C 50 -12.47 7.92 -0.94
C LEU C 50 -12.53 8.18 0.58
N PRO C 51 -13.02 7.19 1.36
CA PRO C 51 -13.13 7.26 2.86
C PRO C 51 -11.75 7.67 3.42
N LYS C 52 -11.74 8.54 4.45
CA LYS C 52 -10.48 9.02 5.03
C LYS C 52 -9.57 7.86 5.37
N THR C 53 -10.19 6.80 5.89
CA THR C 53 -9.48 5.59 6.24
C THR C 53 -8.78 4.93 5.03
N THR C 54 -9.45 4.88 3.89
CA THR C 54 -8.83 4.24 2.71
C THR C 54 -7.58 4.99 2.25
N VAL C 55 -7.68 6.31 2.17
CA VAL C 55 -6.58 7.17 1.69
C VAL C 55 -5.31 6.96 2.56
N VAL C 56 -5.48 6.89 3.86
CA VAL C 56 -4.30 6.79 4.75
C VAL C 56 -3.53 5.50 4.60
N ARG C 57 -4.27 4.42 4.40
CA ARG C 57 -3.64 3.13 4.27
C ARG C 57 -2.94 3.11 2.90
N LEU C 58 -3.64 3.57 1.87
CA LEU C 58 -3.06 3.70 0.53
C LEU C 58 -1.85 4.60 0.55
N VAL C 59 -1.97 5.80 1.13
CA VAL C 59 -0.81 6.71 1.21
C VAL C 59 0.36 6.13 1.99
N ALA C 60 0.05 5.40 3.07
CA ALA C 60 1.09 4.79 3.93
C ALA C 60 1.88 3.71 3.17
N THR C 61 1.18 2.91 2.38
CA THR C 61 1.82 1.88 1.56
C THR C 61 2.70 2.52 0.52
N MSE C 62 2.16 3.51 -0.19
CA MSE C 62 2.93 4.23 -1.18
C MSE C 62 4.15 4.84 -0.58
O MSE C 62 5.25 4.76 -1.15
CB MSE C 62 2.04 5.27 -1.89
CG MSE C 62 0.96 4.59 -2.77
SE MSE C 62 -0.52 5.76 -3.22
CE MSE C 62 -1.93 4.60 -3.65
N CYS C 63 4.01 5.46 0.59
CA CYS C 63 5.17 6.03 1.26
C CYS C 63 6.18 4.95 1.62
N ALA C 64 5.70 3.85 2.22
CA ALA C 64 6.57 2.71 2.58
C ALA C 64 7.40 2.17 1.41
N ARG C 65 6.83 2.28 0.21
CA ARG C 65 7.43 1.74 -1.00
C ARG C 65 8.11 2.81 -1.88
N SER C 66 8.23 4.04 -1.35
CA SER C 66 8.92 5.17 -1.99
C SER C 66 8.28 5.70 -3.29
N VAL C 67 6.99 5.42 -3.45
CA VAL C 67 6.16 5.94 -4.56
C VAL C 67 5.75 7.39 -4.24
N LEU C 68 5.51 7.63 -2.94
CA LEU C 68 5.32 8.98 -2.37
C LEU C 68 6.38 9.28 -1.31
N THR C 69 6.59 10.57 -1.01
CA THR C 69 7.42 11.01 0.11
C THR C 69 6.59 11.84 1.10
N SER C 70 6.69 11.54 2.40
CA SER C 70 6.05 12.37 3.43
C SER C 70 6.92 13.60 3.61
N ARG C 71 6.32 14.77 3.38
CA ARG C 71 7.01 16.03 3.58
C ARG C 71 7.03 16.37 5.06
N ALA C 72 7.96 17.25 5.44
CA ALA C 72 8.01 17.79 6.79
C ALA C 72 6.73 18.55 7.06
N ASP C 73 6.25 19.31 6.05
CA ASP C 73 4.92 19.94 6.12
C ASP C 73 3.82 19.05 6.77
N GLY C 74 3.89 17.74 6.48
CA GLY C 74 2.77 16.81 6.73
C GLY C 74 2.01 16.58 5.42
N SER C 75 2.59 17.12 4.33
CA SER C 75 2.03 16.96 3.00
C SER C 75 2.77 15.80 2.30
N TYR C 76 2.43 15.54 1.04
CA TYR C 76 3.06 14.46 0.28
C TYR C 76 3.47 14.97 -1.07
N SER C 77 4.49 14.33 -1.65
CA SER C 77 4.86 14.55 -3.05
C SER C 77 5.32 13.22 -3.66
N LEU C 78 5.55 13.23 -4.96
CA LEU C 78 5.98 12.04 -5.68
C LEU C 78 7.30 11.52 -5.08
N GLY C 79 7.41 10.20 -4.89
CA GLY C 79 8.59 9.59 -4.29
C GLY C 79 9.61 9.20 -5.32
N PRO C 80 10.80 8.80 -4.87
CA PRO C 80 11.83 8.46 -5.88
C PRO C 80 11.49 7.27 -6.79
N GLU C 81 10.71 6.30 -6.30
CA GLU C 81 10.36 5.17 -7.15
C GLU C 81 9.46 5.64 -8.28
N MSE C 82 8.55 6.53 -7.96
CA MSE C 82 7.68 7.14 -8.97
C MSE C 82 8.52 7.95 -9.93
O MSE C 82 8.33 7.91 -11.15
CB MSE C 82 6.71 8.04 -8.27
CG MSE C 82 5.65 8.63 -9.12
SE MSE C 82 4.56 7.25 -10.03
CE MSE C 82 3.65 6.36 -8.60
N LEU C 83 9.37 8.81 -9.42
CA LEU C 83 10.26 9.53 -10.33
C LEU C 83 11.12 8.67 -11.26
N ARG C 84 11.60 7.52 -10.78
CA ARG C 84 12.32 6.63 -11.68
C ARG C 84 11.44 6.08 -12.81
N TRP C 85 10.19 5.76 -12.49
CA TRP C 85 9.24 5.25 -13.50
C TRP C 85 8.94 6.33 -14.48
N VAL C 86 8.85 7.56 -13.97
CA VAL C 86 8.51 8.67 -14.85
C VAL C 86 9.63 8.93 -15.80
N ARG C 87 10.88 8.88 -15.31
CA ARG C 87 12.04 9.00 -16.19
C ARG C 87 12.12 7.88 -17.19
N LEU C 88 11.87 6.64 -16.76
CA LEU C 88 11.85 5.51 -17.69
C LEU C 88 10.78 5.62 -18.77
N ALA C 89 9.59 6.10 -18.40
CA ALA C 89 8.50 6.19 -19.40
C ALA C 89 8.88 7.26 -20.38
N GLY C 90 9.50 8.32 -19.90
CA GLY C 90 10.00 9.38 -20.78
C GLY C 90 10.98 8.92 -21.81
N ARG C 91 11.94 8.09 -21.40
CA ARG C 91 12.85 7.40 -22.34
C ARG C 91 12.18 6.44 -23.32
N THR C 92 11.14 5.77 -22.82
CA THR C 92 10.35 4.83 -23.60
C THR C 92 9.60 5.53 -24.70
N TRP C 93 9.04 6.72 -24.40
CA TRP C 93 8.15 7.41 -25.35
C TRP C 93 8.76 8.55 -26.14
N ALA C 94 9.95 9.00 -25.74
CA ALA C 94 10.68 10.09 -26.36
C ALA C 94 11.05 9.73 -27.79
N PRO C 95 10.68 10.57 -28.77
CA PRO C 95 11.10 10.31 -30.14
C PRO C 95 12.62 10.57 -30.27
N PRO C 96 13.24 10.06 -31.33
CA PRO C 96 14.67 10.41 -31.60
C PRO C 96 14.88 11.93 -31.60
N GLU C 97 16.06 12.40 -31.18
CA GLU C 97 16.37 13.84 -31.17
C GLU C 97 16.05 14.54 -32.48
N GLU C 98 16.36 13.87 -33.58
CA GLU C 98 16.15 14.39 -34.94
C GLU C 98 14.69 14.67 -35.24
N VAL C 99 13.79 13.87 -34.67
CA VAL C 99 12.35 14.05 -34.80
C VAL C 99 11.92 15.24 -33.97
N VAL C 100 12.38 15.32 -32.72
CA VAL C 100 12.10 16.46 -31.88
C VAL C 100 12.61 17.77 -32.51
N ASP C 101 13.77 17.71 -33.17
CA ASP C 101 14.32 18.82 -33.95
C ASP C 101 13.34 19.31 -35.02
N ILE C 102 12.93 18.40 -35.90
CA ILE C 102 11.91 18.67 -36.91
C ILE C 102 10.68 19.30 -36.22
N MSE C 103 10.21 18.71 -35.12
CA MSE C 103 9.00 19.27 -34.48
C MSE C 103 9.18 20.67 -33.93
O MSE C 103 8.24 21.50 -33.97
CB MSE C 103 8.55 18.36 -33.34
CG MSE C 103 7.96 17.01 -33.77
SE MSE C 103 7.71 15.86 -32.17
CE MSE C 103 6.40 16.94 -31.24
N ARG C 104 10.34 20.93 -33.34
CA ARG C 104 10.69 22.25 -32.83
C ARG C 104 10.71 23.27 -33.97
N GLN C 105 11.29 22.87 -35.11
CA GLN C 105 11.37 23.75 -36.28
C GLN C 105 10.00 24.04 -36.86
N LEU C 106 9.19 23.00 -37.00
CA LEU C 106 7.77 23.13 -37.38
C LEU C 106 7.00 24.12 -36.49
N SER C 107 7.20 24.06 -35.17
CA SER C 107 6.56 25.06 -34.28
C SER C 107 7.06 26.48 -34.55
N ALA C 108 8.36 26.65 -34.73
CA ALA C 108 8.93 27.97 -35.06
C ALA C 108 8.39 28.52 -36.39
N ASP C 109 8.33 27.65 -37.39
CA ASP C 109 7.90 28.02 -38.74
C ASP C 109 6.40 28.33 -38.84
N THR C 110 5.58 27.67 -38.03
CA THR C 110 4.14 27.88 -38.05
C THR C 110 3.62 28.81 -36.94
N GLY C 111 4.38 28.91 -35.85
CA GLY C 111 3.94 29.68 -34.68
C GLY C 111 2.93 28.94 -33.79
N GLU C 112 2.71 27.65 -34.08
CA GLU C 112 1.75 26.83 -33.34
C GLU C 112 2.45 25.69 -32.60
N THR C 113 1.81 25.23 -31.54
CA THR C 113 2.26 24.07 -30.79
C THR C 113 2.15 22.82 -31.69
N VAL C 114 3.18 21.97 -31.61
CA VAL C 114 3.23 20.71 -32.35
C VAL C 114 3.07 19.54 -31.40
N ASN C 115 2.01 18.74 -31.56
CA ASN C 115 1.71 17.59 -30.68
C ASN C 115 1.91 16.32 -31.46
N LEU C 116 2.65 15.37 -30.85
CA LEU C 116 2.76 14.05 -31.45
C LEU C 116 1.82 13.12 -30.63
N TYR C 117 0.72 12.69 -31.27
CA TYR C 117 -0.26 11.84 -30.64
C TYR C 117 -0.08 10.41 -31.09
N ILE C 118 -0.33 9.45 -30.16
CA ILE C 118 -0.56 8.06 -30.50
C ILE C 118 -1.96 7.66 -29.99
N ARG C 119 -2.42 6.46 -30.36
CA ARG C 119 -3.70 5.95 -29.89
C ARG C 119 -3.43 4.97 -28.78
N GLN C 120 -4.25 5.00 -27.75
CA GLN C 120 -4.30 3.89 -26.82
C GLN C 120 -5.74 3.55 -26.57
N GLY C 121 -6.15 2.38 -27.05
CA GLY C 121 -7.54 1.99 -26.90
C GLY C 121 -8.40 2.97 -27.66
N LEU C 122 -9.41 3.54 -26.99
CA LEU C 122 -10.30 4.46 -27.66
C LEU C 122 -9.91 5.92 -27.39
N SER C 123 -8.64 6.14 -27.08
CA SER C 123 -8.13 7.46 -26.72
CA SER C 123 -8.14 7.46 -26.73
C SER C 123 -6.93 7.83 -27.55
N ARG C 124 -6.65 9.14 -27.60
CA ARG C 124 -5.43 9.72 -28.16
C ARG C 124 -4.65 10.36 -27.01
N VAL C 125 -3.32 10.35 -27.11
CA VAL C 125 -2.48 10.82 -26.03
C VAL C 125 -1.29 11.51 -26.66
N VAL C 126 -0.96 12.68 -26.16
CA VAL C 126 0.24 13.36 -26.62
C VAL C 126 1.42 12.77 -25.92
N VAL C 127 2.41 12.29 -26.71
CA VAL C 127 3.61 11.72 -26.13
C VAL C 127 4.84 12.56 -26.41
N ALA C 128 4.72 13.56 -27.29
CA ALA C 128 5.79 14.54 -27.47
C ALA C 128 5.18 15.88 -27.89
N GLN C 129 5.70 17.00 -27.36
CA GLN C 129 5.12 18.30 -27.63
C GLN C 129 6.18 19.39 -27.72
N CYS C 130 6.05 20.27 -28.72
CA CYS C 130 6.88 21.47 -28.78
C CYS C 130 5.90 22.62 -28.82
N GLU C 131 5.82 23.39 -27.74
CA GLU C 131 4.91 24.53 -27.68
C GLU C 131 5.47 25.73 -28.45
N SER C 132 4.61 26.52 -29.07
CA SER C 132 5.07 27.79 -29.61
C SER C 132 5.17 28.79 -28.48
N THR C 133 5.65 29.98 -28.82
CA THR C 133 5.82 31.07 -27.88
C THR C 133 4.57 31.97 -27.84
N ALA C 134 3.55 31.66 -28.64
CA ALA C 134 2.33 32.47 -28.66
C ALA C 134 1.69 32.42 -27.27
N THR C 135 1.10 33.52 -26.82
CA THR C 135 0.56 33.54 -25.46
C THR C 135 -0.79 32.80 -25.37
N VAL C 136 -1.52 32.76 -26.48
CA VAL C 136 -2.67 31.88 -26.67
C VAL C 136 -2.26 30.75 -27.66
N ARG C 137 -2.24 29.53 -27.14
CA ARG C 137 -1.78 28.37 -27.91
C ARG C 137 -2.32 27.08 -27.30
N SER C 138 -2.13 25.97 -27.99
CA SER C 138 -2.40 24.65 -27.40
C SER C 138 -1.37 24.34 -26.32
N VAL C 139 -1.88 23.94 -25.15
CA VAL C 139 -1.02 23.45 -24.11
C VAL C 139 -1.62 22.12 -23.62
N ILE C 140 -2.22 21.36 -24.53
CA ILE C 140 -2.81 20.09 -24.16
C ILE C 140 -1.76 19.32 -23.34
N PRO C 141 -2.15 18.77 -22.17
CA PRO C 141 -1.11 18.13 -21.35
C PRO C 141 -0.60 16.78 -21.88
N LEU C 142 0.71 16.62 -21.81
CA LEU C 142 1.37 15.39 -22.17
C LEU C 142 0.83 14.26 -21.31
N GLY C 143 0.58 13.09 -21.91
CA GLY C 143 0.21 11.89 -21.12
C GLY C 143 -1.24 11.74 -20.67
N VAL C 144 -2.10 12.69 -21.06
CA VAL C 144 -3.46 12.67 -20.54
C VAL C 144 -4.28 12.22 -21.74
N PRO C 145 -5.00 11.07 -21.62
CA PRO C 145 -5.88 10.57 -22.66
C PRO C 145 -7.11 11.47 -22.94
N TYR C 146 -7.39 11.68 -24.24
CA TYR C 146 -8.54 12.44 -24.72
C TYR C 146 -9.22 11.51 -25.76
N PRO C 147 -10.50 11.75 -26.07
CA PRO C 147 -11.26 10.86 -26.98
C PRO C 147 -10.78 10.92 -28.42
N LEU C 148 -11.25 9.96 -29.24
CA LEU C 148 -10.85 9.92 -30.66
C LEU C 148 -11.90 10.55 -31.55
N TRP C 149 -13.11 10.75 -31.03
CA TRP C 149 -14.26 11.14 -31.89
C TRP C 149 -14.26 12.59 -32.32
N ALA C 150 -13.46 13.44 -31.66
CA ALA C 150 -13.43 14.86 -32.07
C ALA C 150 -12.01 15.33 -32.25
N GLY C 151 -11.77 16.16 -33.26
CA GLY C 151 -10.43 16.70 -33.51
C GLY C 151 -9.69 16.04 -34.66
N ALA C 152 -8.69 16.73 -35.20
CA ALA C 152 -7.97 16.23 -36.37
C ALA C 152 -7.15 14.99 -36.07
N ALA C 153 -6.47 14.98 -34.93
CA ALA C 153 -5.58 13.84 -34.62
C ALA C 153 -6.35 12.51 -34.49
N GLY C 154 -7.48 12.54 -33.79
CA GLY C 154 -8.26 11.31 -33.60
C GLY C 154 -8.63 10.69 -34.95
N LYS C 155 -9.01 11.52 -35.90
CA LYS C 155 -9.42 10.96 -37.19
C LYS C 155 -8.27 10.41 -38.00
N ILE C 156 -7.09 11.01 -37.87
CA ILE C 156 -5.88 10.46 -38.50
C ILE C 156 -5.57 9.13 -37.86
N LEU C 157 -5.56 9.06 -36.51
CA LEU C 157 -5.26 7.77 -35.86
C LEU C 157 -6.22 6.65 -36.27
N LEU C 158 -7.49 6.98 -36.51
CA LEU C 158 -8.49 5.95 -36.91
C LEU C 158 -8.26 5.35 -38.31
N LEU C 159 -7.36 5.98 -39.07
CA LEU C 159 -6.95 5.44 -40.39
C LEU C 159 -6.42 4.00 -40.25
N ALA C 160 -5.75 3.76 -39.12
CA ALA C 160 -5.19 2.46 -38.82
C ALA C 160 -6.11 1.62 -37.94
N ALA C 161 -7.28 2.13 -37.57
CA ALA C 161 -8.21 1.35 -36.74
C ALA C 161 -9.68 1.36 -37.22
N PRO C 162 -9.93 0.91 -38.48
CA PRO C 162 -11.33 0.94 -38.96
C PRO C 162 -12.28 0.14 -38.04
N GLU C 163 -11.75 -0.86 -37.37
CA GLU C 163 -12.61 -1.74 -36.58
C GLU C 163 -13.09 -1.04 -35.31
N LEU C 164 -12.49 0.09 -34.98
CA LEU C 164 -12.86 0.79 -33.74
C LEU C 164 -13.85 1.93 -33.98
N ILE C 165 -14.18 2.19 -35.24
CA ILE C 165 -14.96 3.39 -35.57
C ILE C 165 -16.35 3.33 -34.94
N ASP C 166 -17.00 2.18 -35.04
CA ASP C 166 -18.25 1.95 -34.31
C ASP C 166 -18.14 2.20 -32.81
N ASP C 167 -17.10 1.68 -32.16
N ASP C 167 -17.10 1.67 -32.17
CA ASP C 167 -16.91 1.87 -30.72
CA ASP C 167 -16.89 1.87 -30.74
C ASP C 167 -16.65 3.33 -30.36
C ASP C 167 -16.69 3.34 -30.40
N VAL C 168 -15.91 4.05 -31.20
CA VAL C 168 -15.66 5.48 -30.97
C VAL C 168 -16.94 6.32 -31.10
N ALA C 169 -17.71 6.11 -32.19
CA ALA C 169 -18.99 6.74 -32.30
C ALA C 169 -19.87 6.50 -31.05
N ALA C 170 -20.01 5.25 -30.59
CA ALA C 170 -20.80 4.95 -29.38
C ALA C 170 -20.32 5.71 -28.14
N ASP C 171 -19.05 6.11 -28.15
CA ASP C 171 -18.39 6.76 -27.01
C ASP C 171 -18.64 8.26 -27.12
N SER C 172 -18.94 8.72 -28.33
CA SER C 172 -19.10 10.13 -28.58
C SER C 172 -20.49 10.57 -28.15
N PRO C 173 -20.70 11.87 -27.87
CA PRO C 173 -22.05 12.33 -27.53
C PRO C 173 -23.09 12.19 -28.66
N HIS C 174 -22.62 11.92 -29.88
CA HIS C 174 -23.51 11.76 -31.03
C HIS C 174 -24.09 10.34 -31.01
N GLY C 175 -23.39 9.48 -30.27
CA GLY C 175 -23.76 8.10 -30.06
C GLY C 175 -23.61 7.20 -31.28
N PRO C 176 -24.09 5.93 -31.16
CA PRO C 176 -24.01 4.88 -32.19
C PRO C 176 -24.36 5.29 -33.62
N GLU C 177 -25.40 6.10 -33.82
CA GLU C 177 -25.87 6.42 -35.18
C GLU C 177 -24.90 7.31 -35.99
N PHE C 178 -23.86 7.78 -35.32
CA PHE C 178 -22.88 8.70 -35.84
C PHE C 178 -21.70 7.96 -36.52
N ALA C 179 -21.70 6.62 -36.42
CA ALA C 179 -20.58 5.81 -36.90
C ALA C 179 -20.33 6.00 -38.39
N ASP C 180 -21.36 5.95 -39.22
CA ASP C 180 -21.13 6.13 -40.68
C ASP C 180 -20.56 7.51 -41.10
N GLN C 181 -20.97 8.56 -40.41
CA GLN C 181 -20.46 9.89 -40.61
C GLN C 181 -19.01 10.04 -40.13
N LEU C 182 -18.68 9.41 -39.00
CA LEU C 182 -17.29 9.33 -38.58
C LEU C 182 -16.44 8.60 -39.62
N ARG C 183 -16.94 7.49 -40.14
CA ARG C 183 -16.20 6.75 -41.14
C ARG C 183 -15.95 7.58 -42.41
N GLU C 184 -16.95 8.36 -42.83
CA GLU C 184 -16.78 9.26 -43.98
C GLU C 184 -15.67 10.25 -43.72
N LYS C 185 -15.70 10.89 -42.55
CA LYS C 185 -14.73 11.91 -42.20
C LYS C 185 -13.29 11.35 -42.15
N VAL C 186 -13.15 10.14 -41.61
CA VAL C 186 -11.87 9.44 -41.58
C VAL C 186 -11.44 9.20 -43.02
N GLU C 187 -12.38 8.80 -43.87
CA GLU C 187 -12.02 8.57 -45.28
C GLU C 187 -11.56 9.84 -45.99
N ASP C 188 -12.25 10.96 -45.73
CA ASP C 188 -11.81 12.28 -46.23
C ASP C 188 -10.33 12.52 -46.02
N GLY C 189 -9.87 12.23 -44.78
CA GLY C 189 -8.47 12.35 -44.41
C GLY C 189 -7.56 11.45 -45.24
N ARG C 190 -8.01 10.21 -45.46
CA ARG C 190 -7.20 9.24 -46.24
C ARG C 190 -6.94 9.80 -47.61
N GLU C 191 -7.98 10.38 -48.21
CA GLU C 191 -7.94 10.97 -49.56
C GLU C 191 -6.99 12.16 -49.66
N ARG C 192 -7.23 13.15 -48.81
CA ARG C 192 -6.48 14.40 -48.86
CA ARG C 192 -6.51 14.43 -48.78
C ARG C 192 -5.10 14.31 -48.21
N GLY C 193 -4.93 13.33 -47.31
CA GLY C 193 -3.65 13.06 -46.68
C GLY C 193 -3.41 13.81 -45.38
N TYR C 194 -4.45 14.49 -44.89
CA TYR C 194 -4.39 15.17 -43.62
C TYR C 194 -5.81 15.50 -43.16
N GLN C 195 -5.97 15.87 -41.89
CA GLN C 195 -7.24 16.39 -41.39
C GLN C 195 -6.94 17.80 -40.99
N LEU C 196 -7.87 18.70 -41.31
CA LEU C 196 -7.87 20.09 -40.85
C LEU C 196 -9.29 20.33 -40.34
N VAL C 197 -9.42 20.58 -39.03
CA VAL C 197 -10.72 20.58 -38.34
C VAL C 197 -10.82 21.84 -37.45
N HIS C 198 -11.99 22.49 -37.41
CA HIS C 198 -12.23 23.76 -36.62
C HIS C 198 -13.34 23.56 -35.58
N GLY C 199 -13.04 23.76 -34.31
CA GLY C 199 -14.08 23.81 -33.26
C GLY C 199 -14.90 22.56 -32.99
N GLU C 200 -14.34 21.39 -33.29
CA GLU C 200 -15.01 20.12 -33.05
C GLU C 200 -14.70 19.72 -31.64
N ARG C 201 -13.44 19.91 -31.31
CA ARG C 201 -12.88 19.46 -30.09
C ARG C 201 -13.30 20.38 -28.92
N GLU C 202 -13.29 21.68 -29.19
CA GLU C 202 -13.39 22.68 -28.16
C GLU C 202 -13.59 23.96 -28.91
N LEU C 203 -14.56 24.77 -28.50
CA LEU C 203 -14.79 26.05 -29.16
C LEU C 203 -13.50 26.91 -29.23
N GLY C 204 -13.22 27.50 -30.39
CA GLY C 204 -12.06 28.37 -30.56
C GLY C 204 -10.76 27.65 -30.85
N SER C 205 -10.81 26.34 -30.98
CA SER C 205 -9.62 25.54 -31.26
C SER C 205 -9.73 24.82 -32.63
N SER C 206 -8.59 24.76 -33.35
CA SER C 206 -8.48 24.10 -34.65
C SER C 206 -7.26 23.15 -34.62
N GLY C 207 -7.25 22.16 -35.52
CA GLY C 207 -6.12 21.25 -35.52
C GLY C 207 -5.82 20.90 -36.96
N LEU C 208 -4.56 20.62 -37.26
CA LEU C 208 -4.19 20.17 -38.59
C LEU C 208 -3.33 18.96 -38.32
N SER C 209 -3.67 17.78 -38.84
CA SER C 209 -2.98 16.54 -38.48
C SER C 209 -2.66 15.73 -39.74
N PHE C 210 -1.44 15.18 -39.76
CA PHE C 210 -0.90 14.37 -40.84
C PHE C 210 -0.49 13.05 -40.24
N PRO C 211 -0.66 11.94 -41.00
CA PRO C 211 -0.28 10.64 -40.54
C PRO C 211 1.25 10.50 -40.51
N LEU C 212 1.75 9.82 -39.47
CA LEU C 212 3.12 9.29 -39.52
C LEU C 212 3.05 7.78 -39.68
N VAL C 213 3.85 7.25 -40.60
CA VAL C 213 3.73 5.85 -41.03
C VAL C 213 5.00 5.06 -40.75
N ASP C 214 4.83 3.77 -40.44
CA ASP C 214 5.97 2.85 -40.32
C ASP C 214 6.40 2.41 -41.73
N SER C 215 7.36 1.51 -41.81
CA SER C 215 7.84 0.99 -43.10
C SER C 215 6.74 0.33 -43.96
N HIS C 216 5.67 -0.17 -43.34
CA HIS C 216 4.56 -0.82 -44.10
C HIS C 216 3.49 0.16 -44.55
N GLY C 217 3.63 1.42 -44.13
CA GLY C 217 2.67 2.47 -44.47
C GLY C 217 1.50 2.52 -43.51
N THR C 218 1.63 1.84 -42.36
CA THR C 218 0.62 1.87 -41.29
C THR C 218 0.76 3.16 -40.47
N VAL C 219 -0.37 3.80 -40.18
CA VAL C 219 -0.33 5.04 -39.44
C VAL C 219 -0.03 4.69 -37.99
N VAL C 220 1.12 5.13 -37.50
CA VAL C 220 1.56 4.81 -36.12
C VAL C 220 1.35 5.98 -35.14
N ALA C 221 1.16 7.19 -35.67
CA ALA C 221 1.06 8.40 -34.86
C ALA C 221 0.48 9.53 -35.72
N ALA C 222 0.07 10.63 -35.08
CA ALA C 222 -0.46 11.81 -35.81
C ALA C 222 0.29 13.07 -35.43
N LEU C 223 1.02 13.66 -36.38
CA LEU C 223 1.72 14.91 -36.21
C LEU C 223 0.72 16.03 -36.38
N THR C 224 0.51 16.83 -35.33
CA THR C 224 -0.65 17.74 -35.27
C THR C 224 -0.27 19.12 -34.81
N LEU C 225 -0.69 20.14 -35.58
CA LEU C 225 -0.66 21.52 -35.06
C LEU C 225 -1.97 21.77 -34.35
N GLY C 226 -1.90 22.39 -33.18
CA GLY C 226 -3.12 22.79 -32.49
C GLY C 226 -2.99 24.22 -32.02
N GLY C 227 -4.10 24.96 -32.05
CA GLY C 227 -4.05 26.38 -31.73
C GLY C 227 -5.38 27.05 -31.97
N PRO C 228 -5.43 28.37 -31.81
CA PRO C 228 -6.66 29.13 -31.91
C PRO C 228 -7.14 29.16 -33.38
N THR C 229 -8.44 28.93 -33.58
CA THR C 229 -9.06 28.91 -34.93
C THR C 229 -8.71 30.15 -35.73
N GLY C 230 -8.64 31.27 -35.00
CA GLY C 230 -8.32 32.55 -35.57
C GLY C 230 -6.98 32.63 -36.27
N ARG C 231 -6.07 31.69 -36.00
CA ARG C 231 -4.83 31.62 -36.80
C ARG C 231 -4.84 30.49 -37.86
N PHE C 232 -5.91 29.69 -37.90
CA PHE C 232 -5.97 28.62 -38.90
C PHE C 232 -6.95 29.04 -39.99
N THR C 233 -6.75 30.24 -40.51
CA THR C 233 -7.62 30.86 -41.49
C THR C 233 -7.18 30.44 -42.89
N GLU C 234 -7.99 30.67 -43.93
CA GLU C 234 -7.59 30.14 -45.26
C GLU C 234 -6.38 30.85 -45.92
N ASP C 235 -6.01 32.02 -45.40
CA ASP C 235 -4.76 32.70 -45.74
C ASP C 235 -3.52 32.07 -45.10
N ARG C 236 -3.71 31.35 -43.98
CA ARG C 236 -2.60 30.82 -43.19
C ARG C 236 -2.42 29.31 -43.30
N THR C 237 -3.50 28.57 -43.59
CA THR C 237 -3.42 27.13 -43.65
C THR C 237 -2.58 26.58 -44.81
N PRO C 238 -2.58 27.21 -46.01
CA PRO C 238 -1.69 26.62 -47.03
C PRO C 238 -0.25 26.44 -46.54
N HIS C 239 0.28 27.45 -45.85
CA HIS C 239 1.61 27.38 -45.30
C HIS C 239 1.73 26.36 -44.15
N TYR C 240 0.75 26.34 -43.26
CA TYR C 240 0.74 25.29 -42.23
C TYR C 240 0.82 23.91 -42.88
N ILE C 241 0.03 23.72 -43.94
CA ILE C 241 -0.06 22.43 -44.62
C ILE C 241 1.27 22.05 -45.27
N GLU C 242 1.88 22.97 -46.01
CA GLU C 242 3.16 22.72 -46.66
C GLU C 242 4.21 22.30 -45.64
N CYS C 243 4.32 23.04 -44.55
CA CYS C 243 5.31 22.79 -43.48
C CYS C 243 5.11 21.46 -42.76
N THR C 244 3.88 21.20 -42.33
CA THR C 244 3.53 19.97 -41.63
C THR C 244 3.67 18.73 -42.53
N ARG C 245 3.34 18.85 -43.81
CA ARG C 245 3.49 17.69 -44.71
C ARG C 245 4.94 17.30 -44.84
N ALA C 246 5.81 18.29 -45.11
CA ALA C 246 7.25 18.08 -45.13
C ALA C 246 7.75 17.43 -43.85
N ALA C 247 7.39 18.02 -42.69
CA ALA C 247 7.82 17.47 -41.41
C ALA C 247 7.42 16.02 -41.22
N ALA C 248 6.16 15.67 -41.55
CA ALA C 248 5.65 14.29 -41.39
C ALA C 248 6.35 13.28 -42.30
N GLU C 249 6.67 13.70 -43.51
CA GLU C 249 7.39 12.88 -44.48
C GLU C 249 8.80 12.65 -43.95
N GLU C 250 9.41 13.70 -43.43
CA GLU C 250 10.74 13.58 -42.88
C GLU C 250 10.77 12.71 -41.63
N ILE C 251 9.78 12.86 -40.76
CA ILE C 251 9.74 12.10 -39.54
C ILE C 251 9.51 10.62 -39.83
N SER C 252 8.60 10.32 -40.77
CA SER C 252 8.32 8.93 -41.21
C SER C 252 9.56 8.23 -41.79
N ALA C 253 10.35 8.99 -42.56
CA ALA C 253 11.61 8.56 -43.13
C ALA C 253 12.64 8.21 -42.06
N ILE C 254 12.80 9.10 -41.07
CA ILE C 254 13.64 8.83 -39.88
C ILE C 254 13.13 7.61 -39.11
N GLY C 255 11.81 7.42 -39.10
CA GLY C 255 11.22 6.31 -38.36
C GLY C 255 11.01 6.65 -36.89
N LEU C 256 10.00 6.05 -36.27
CA LEU C 256 9.85 6.17 -34.81
C LEU C 256 10.01 4.77 -34.23
N PRO C 257 11.27 4.30 -34.09
CA PRO C 257 11.50 2.91 -33.66
C PRO C 257 10.64 2.50 -32.44
N GLY C 258 10.48 3.41 -31.46
CA GLY C 258 9.72 3.12 -30.25
C GLY C 258 8.23 2.79 -30.36
N LEU C 259 7.64 2.94 -31.54
CA LEU C 259 6.19 2.76 -31.71
C LEU C 259 5.69 1.56 -32.55
N ASP C 260 4.40 1.25 -32.40
CA ASP C 260 3.58 0.53 -33.38
C ASP C 260 2.12 1.01 -33.41
N SER D 8 -18.75 -23.79 -10.14
CA SER D 8 -19.00 -25.27 -10.10
C SER D 8 -18.36 -25.99 -8.89
N ALA D 9 -17.51 -25.28 -8.14
CA ALA D 9 -16.93 -25.76 -6.88
C ALA D 9 -16.43 -24.53 -6.10
N GLU D 10 -17.04 -24.23 -4.95
CA GLU D 10 -16.70 -23.01 -4.21
C GLU D 10 -15.34 -23.10 -3.49
N LYS D 11 -14.55 -22.04 -3.58
CA LYS D 11 -13.19 -22.06 -3.03
C LYS D 11 -13.09 -21.30 -1.69
N PRO D 12 -12.32 -21.85 -0.71
CA PRO D 12 -11.99 -21.13 0.53
C PRO D 12 -11.37 -19.76 0.23
N ALA D 13 -11.44 -18.84 1.19
CA ALA D 13 -11.22 -17.42 0.92
C ALA D 13 -9.79 -17.02 0.56
N VAL D 14 -9.67 -15.97 -0.27
CA VAL D 14 -8.47 -15.11 -0.35
C VAL D 14 -8.45 -14.20 0.91
N ALA D 15 -8.90 -14.78 2.03
CA ALA D 15 -9.14 -14.04 3.26
C ALA D 15 -9.62 -12.61 2.97
N ASP D 16 -8.88 -11.60 3.46
CA ASP D 16 -9.39 -10.24 3.59
C ASP D 16 -8.87 -9.20 2.56
N ALA D 17 -8.59 -7.98 3.03
CA ALA D 17 -8.64 -6.80 2.16
C ALA D 17 -7.38 -6.53 1.31
N GLY D 18 -7.46 -5.40 0.58
CA GLY D 18 -6.57 -5.08 -0.55
C GLY D 18 -5.56 -3.98 -0.27
N VAL D 19 -5.05 -3.98 0.98
CA VAL D 19 -3.67 -3.50 1.24
C VAL D 19 -2.76 -4.38 0.38
N ARG D 20 -3.14 -5.66 0.31
CA ARG D 20 -2.47 -6.67 -0.49
C ARG D 20 -2.56 -6.31 -1.97
N SER D 21 -3.74 -5.87 -2.41
CA SER D 21 -3.98 -5.56 -3.81
C SER D 21 -3.13 -4.37 -4.25
N VAL D 22 -3.08 -3.31 -3.45
CA VAL D 22 -2.19 -2.13 -3.72
C VAL D 22 -0.71 -2.57 -3.75
N THR D 23 -0.30 -3.38 -2.80
CA THR D 23 1.06 -3.91 -2.75
C THR D 23 1.41 -4.61 -4.08
N ARG D 24 0.50 -5.42 -4.60
CA ARG D 24 0.73 -6.15 -5.84
C ARG D 24 0.87 -5.25 -7.05
N VAL D 25 0.06 -4.21 -7.12
CA VAL D 25 0.16 -3.23 -8.18
C VAL D 25 1.58 -2.65 -8.17
N ILE D 26 2.07 -2.31 -6.99
CA ILE D 26 3.43 -1.72 -6.85
C ILE D 26 4.45 -2.75 -7.19
N ASP D 27 4.22 -3.99 -6.78
CA ASP D 27 5.17 -5.06 -7.02
C ASP D 27 5.32 -5.25 -8.52
N LEU D 28 4.20 -5.13 -9.25
CA LEU D 28 4.21 -5.28 -10.70
C LEU D 28 4.98 -4.15 -11.36
N LEU D 29 4.63 -2.93 -11.01
CA LEU D 29 5.35 -1.77 -11.52
C LEU D 29 6.83 -1.71 -11.14
N GLU D 30 7.19 -2.22 -9.96
CA GLU D 30 8.61 -2.27 -9.59
C GLU D 30 9.45 -3.16 -10.50
N LEU D 31 8.79 -3.96 -11.33
CA LEU D 31 9.55 -4.83 -12.25
C LEU D 31 10.02 -4.08 -13.48
N PHE D 32 9.49 -2.89 -13.68
CA PHE D 32 9.93 -2.07 -14.78
C PHE D 32 11.02 -1.15 -14.28
N ASP D 33 12.21 -1.24 -14.84
CA ASP D 33 13.29 -0.35 -14.41
C ASP D 33 14.27 -0.16 -15.57
N ALA D 34 15.36 0.59 -15.38
CA ALA D 34 16.22 0.96 -16.48
C ALA D 34 16.77 -0.27 -17.15
N ALA D 35 17.10 -1.29 -16.36
CA ALA D 35 17.63 -2.58 -16.87
C ALA D 35 16.56 -3.43 -17.60
N HIS D 36 15.29 -3.18 -17.28
CA HIS D 36 14.14 -3.93 -17.86
C HIS D 36 13.03 -2.94 -18.23
N PRO D 37 13.20 -2.22 -19.34
CA PRO D 37 12.18 -1.28 -19.79
C PRO D 37 10.84 -1.92 -20.23
N THR D 38 10.87 -3.18 -20.68
CA THR D 38 9.63 -3.86 -21.03
C THR D 38 9.63 -5.23 -20.34
N ARG D 39 8.45 -5.80 -20.15
CA ARG D 39 8.29 -7.09 -19.47
C ARG D 39 7.19 -7.88 -20.15
N SER D 40 7.37 -9.20 -20.30
CA SER D 40 6.32 -10.00 -20.88
C SER D 40 5.32 -10.36 -19.80
N LEU D 41 4.19 -10.93 -20.15
CA LEU D 41 3.28 -11.38 -19.12
C LEU D 41 3.95 -12.45 -18.22
N LYS D 42 4.79 -13.29 -18.81
CA LYS D 42 5.44 -14.41 -18.09
C LYS D 42 6.38 -13.84 -17.06
N GLU D 43 7.14 -12.80 -17.43
CA GLU D 43 8.06 -12.13 -16.49
C GLU D 43 7.36 -11.41 -15.33
N LEU D 44 6.19 -10.84 -15.61
CA LEU D 44 5.38 -10.22 -14.55
C LEU D 44 4.85 -11.25 -13.55
N VAL D 45 4.38 -12.38 -14.06
CA VAL D 45 3.95 -13.52 -13.21
C VAL D 45 5.11 -14.07 -12.39
N GLU D 46 6.21 -14.39 -13.08
CA GLU D 46 7.39 -14.92 -12.43
C GLU D 46 7.94 -13.97 -11.36
N GLY D 47 7.81 -12.67 -11.61
CA GLY D 47 8.48 -11.66 -10.77
C GLY D 47 7.69 -11.25 -9.54
N THR D 48 6.37 -11.40 -9.60
CA THR D 48 5.50 -11.08 -8.48
C THR D 48 5.10 -12.34 -7.73
N LYS D 49 5.25 -13.50 -8.38
CA LYS D 49 4.81 -14.81 -7.83
C LYS D 49 3.30 -14.88 -7.60
N LEU D 50 2.54 -14.02 -8.29
CA LEU D 50 1.09 -14.04 -8.28
C LEU D 50 0.51 -14.99 -9.29
N PRO D 51 -0.75 -15.45 -9.06
CA PRO D 51 -1.41 -16.28 -10.04
C PRO D 51 -1.49 -15.55 -11.36
N LYS D 52 -1.36 -16.29 -12.47
CA LYS D 52 -1.42 -15.68 -13.80
C LYS D 52 -2.73 -14.92 -14.02
N THR D 53 -3.85 -15.51 -13.60
CA THR D 53 -5.16 -14.82 -13.67
C THR D 53 -5.21 -13.46 -12.94
N THR D 54 -4.55 -13.37 -11.78
CA THR D 54 -4.47 -12.14 -11.02
C THR D 54 -3.64 -11.07 -11.73
N VAL D 55 -2.50 -11.47 -12.29
CA VAL D 55 -1.68 -10.52 -13.04
C VAL D 55 -2.43 -10.06 -14.29
N VAL D 56 -3.17 -10.95 -14.95
CA VAL D 56 -3.91 -10.57 -16.15
C VAL D 56 -4.90 -9.42 -15.87
N ARG D 57 -5.67 -9.57 -14.80
CA ARG D 57 -6.65 -8.58 -14.31
C ARG D 57 -6.03 -7.22 -13.94
N LEU D 58 -4.93 -7.22 -13.21
CA LEU D 58 -4.26 -5.97 -12.86
C LEU D 58 -3.74 -5.29 -14.11
N VAL D 59 -3.01 -6.04 -14.92
CA VAL D 59 -2.43 -5.52 -16.14
C VAL D 59 -3.53 -4.95 -17.04
N ALA D 60 -4.68 -5.61 -17.10
CA ALA D 60 -5.76 -5.12 -17.96
C ALA D 60 -6.23 -3.73 -17.52
N THR D 61 -6.39 -3.51 -16.20
CA THR D 61 -6.80 -2.18 -15.68
C THR D 61 -5.69 -1.16 -15.93
N MSE D 62 -4.45 -1.55 -15.71
CA MSE D 62 -3.35 -0.63 -15.93
C MSE D 62 -3.27 -0.22 -17.39
O MSE D 62 -3.03 0.94 -17.67
CB MSE D 62 -2.06 -1.29 -15.47
CG MSE D 62 -2.04 -1.49 -13.98
SE MSE D 62 -0.60 -2.70 -13.39
CE MSE D 62 0.69 -1.46 -13.53
N CYS D 63 -3.48 -1.17 -18.30
CA CYS D 63 -3.58 -0.89 -19.73
C CYS D 63 -4.76 0.02 -20.15
N ALA D 64 -5.95 -0.18 -19.58
CA ALA D 64 -7.09 0.71 -19.84
C ALA D 64 -6.84 2.17 -19.39
N ARG D 65 -5.95 2.35 -18.40
CA ARG D 65 -5.58 3.68 -17.86
C ARG D 65 -4.27 4.22 -18.48
N SER D 66 -3.68 3.48 -19.41
CA SER D 66 -2.41 3.83 -20.06
C SER D 66 -1.21 3.87 -19.14
N VAL D 67 -1.30 3.15 -18.04
CA VAL D 67 -0.21 3.07 -17.11
C VAL D 67 0.79 2.10 -17.70
N LEU D 68 0.26 1.06 -18.36
CA LEU D 68 1.09 0.18 -19.20
C LEU D 68 0.64 0.25 -20.64
N THR D 69 1.47 -0.26 -21.53
CA THR D 69 1.08 -0.37 -22.95
C THR D 69 1.45 -1.74 -23.41
N SER D 70 0.47 -2.42 -24.04
CA SER D 70 0.72 -3.68 -24.67
C SER D 70 1.42 -3.50 -26.01
N ARG D 71 2.62 -4.06 -26.18
CA ARG D 71 3.36 -3.87 -27.41
C ARG D 71 3.23 -5.03 -28.41
N ALA D 72 3.60 -4.77 -29.66
CA ALA D 72 3.53 -5.77 -30.74
C ALA D 72 4.36 -7.00 -30.43
N ASP D 73 5.54 -6.81 -29.83
CA ASP D 73 6.42 -7.94 -29.50
C ASP D 73 5.88 -8.79 -28.33
N GLY D 74 4.59 -8.63 -28.01
CA GLY D 74 3.94 -9.30 -26.87
C GLY D 74 4.12 -8.65 -25.50
N SER D 75 5.16 -7.83 -25.36
CA SER D 75 5.61 -7.33 -24.07
C SER D 75 4.85 -6.06 -23.69
N TYR D 76 5.03 -5.60 -22.45
CA TYR D 76 4.44 -4.36 -22.00
C TYR D 76 5.51 -3.37 -21.71
N SER D 77 5.26 -2.08 -22.02
CA SER D 77 6.10 -1.00 -21.50
C SER D 77 5.27 -0.16 -20.50
N LEU D 78 5.91 0.73 -19.78
CA LEU D 78 5.21 1.75 -19.06
C LEU D 78 4.44 2.53 -20.14
N GLY D 79 3.28 3.05 -19.78
CA GLY D 79 2.47 3.67 -20.84
C GLY D 79 2.51 5.16 -20.78
N PRO D 80 1.82 5.81 -21.75
CA PRO D 80 1.89 7.26 -21.89
C PRO D 80 1.32 8.00 -20.71
N GLU D 81 0.49 7.33 -19.90
CA GLU D 81 -0.09 7.97 -18.69
C GLU D 81 1.06 8.48 -17.82
N MSE D 82 2.18 7.75 -17.80
CA MSE D 82 3.27 8.11 -16.89
C MSE D 82 3.87 9.45 -17.27
O MSE D 82 4.56 10.08 -16.46
CB MSE D 82 4.38 7.02 -16.97
CG MSE D 82 3.97 5.58 -16.53
SE MSE D 82 2.99 5.50 -14.83
CE MSE D 82 4.49 6.29 -13.90
N LEU D 83 3.67 9.87 -18.52
CA LEU D 83 4.27 11.12 -19.00
C LEU D 83 3.61 12.33 -18.42
N ARG D 84 2.45 12.13 -17.81
CA ARG D 84 1.76 13.30 -17.31
C ARG D 84 2.39 13.80 -16.05
N TRP D 85 3.48 13.15 -15.58
CA TRP D 85 4.20 13.65 -14.41
C TRP D 85 5.58 14.12 -14.80
N VAL D 86 5.87 14.12 -16.09
CA VAL D 86 7.19 14.52 -16.55
C VAL D 86 7.36 16.01 -16.18
N ARG D 87 6.31 16.83 -16.42
CA ARG D 87 6.40 18.26 -16.06
C ARG D 87 6.65 18.44 -14.56
N LEU D 88 5.73 17.92 -13.73
CA LEU D 88 5.87 17.93 -12.27
C LEU D 88 7.21 17.40 -11.73
N ALA D 89 7.67 16.27 -12.27
CA ALA D 89 8.95 15.66 -11.90
C ALA D 89 10.11 16.55 -12.26
N GLY D 90 9.95 17.35 -13.31
CA GLY D 90 11.01 18.24 -13.72
C GLY D 90 11.11 19.45 -12.81
N ARG D 91 9.95 19.89 -12.32
CA ARG D 91 9.85 21.16 -11.64
C ARG D 91 10.22 21.02 -10.19
N THR D 92 10.15 19.81 -9.64
CA THR D 92 10.14 19.65 -8.19
C THR D 92 11.02 18.59 -7.57
N TRP D 93 12.01 18.05 -8.30
CA TRP D 93 12.97 17.21 -7.58
C TRP D 93 13.76 18.08 -6.60
N ALA D 94 14.04 17.55 -5.40
CA ALA D 94 14.93 18.20 -4.46
C ALA D 94 15.70 17.13 -3.69
N PRO D 95 16.94 17.45 -3.30
CA PRO D 95 17.79 16.46 -2.66
C PRO D 95 17.33 16.15 -1.22
N PRO D 96 17.77 15.01 -0.66
CA PRO D 96 17.52 14.78 0.76
C PRO D 96 18.03 15.96 1.60
N GLU D 97 17.44 16.15 2.77
CA GLU D 97 17.78 17.28 3.62
C GLU D 97 19.24 17.23 4.01
N GLU D 98 19.74 16.04 4.27
CA GLU D 98 21.14 15.84 4.63
C GLU D 98 22.06 16.34 3.53
N VAL D 99 21.63 16.17 2.29
CA VAL D 99 22.42 16.59 1.12
C VAL D 99 22.43 18.10 1.03
N VAL D 100 21.28 18.77 1.17
CA VAL D 100 21.28 20.25 1.22
C VAL D 100 22.15 20.79 2.40
N ASP D 101 22.08 20.13 3.55
CA ASP D 101 22.91 20.51 4.72
C ASP D 101 24.40 20.48 4.39
N ILE D 102 24.85 19.42 3.75
CA ILE D 102 26.22 19.32 3.19
C ILE D 102 26.55 20.43 2.16
N MSE D 103 25.63 20.71 1.27
CA MSE D 103 25.82 21.78 0.29
C MSE D 103 25.93 23.14 0.96
O MSE D 103 26.72 24.00 0.55
CB MSE D 103 24.66 21.82 -0.69
CG MSE D 103 24.62 20.60 -1.63
SE MSE D 103 23.02 20.62 -2.77
CE MSE D 103 23.23 22.45 -3.62
N ARG D 104 25.07 23.36 1.94
CA ARG D 104 25.06 24.61 2.68
C ARG D 104 26.38 24.81 3.42
N GLN D 105 26.86 23.74 4.03
CA GLN D 105 28.14 23.81 4.75
C GLN D 105 29.30 24.06 3.78
N LEU D 106 29.27 23.39 2.64
CA LEU D 106 30.31 23.56 1.61
C LEU D 106 30.37 25.05 1.17
N SER D 107 29.21 25.65 1.01
CA SER D 107 29.13 27.09 0.64
C SER D 107 29.74 28.05 1.67
N ALA D 108 29.48 27.75 2.92
CA ALA D 108 30.01 28.49 4.07
C ALA D 108 31.51 28.25 4.15
N ASP D 109 31.95 27.02 3.93
CA ASP D 109 33.35 26.66 4.02
C ASP D 109 34.19 27.28 2.90
N THR D 110 33.59 27.54 1.74
CA THR D 110 34.38 27.99 0.60
C THR D 110 34.13 29.46 0.27
N GLY D 111 32.97 29.98 0.68
CA GLY D 111 32.47 31.33 0.29
C GLY D 111 31.86 31.44 -1.08
N GLU D 112 31.67 30.28 -1.72
CA GLU D 112 31.11 30.22 -3.06
C GLU D 112 29.74 29.53 -3.06
N THR D 113 28.91 29.90 -4.06
CA THR D 113 27.61 29.25 -4.32
C THR D 113 27.91 27.86 -4.75
N VAL D 114 27.09 26.93 -4.26
CA VAL D 114 27.25 25.52 -4.56
C VAL D 114 26.03 25.20 -5.39
N ASN D 115 26.23 24.62 -6.58
CA ASN D 115 25.11 24.27 -7.44
C ASN D 115 25.13 22.77 -7.63
N LEU D 116 23.95 22.13 -7.60
CA LEU D 116 23.84 20.70 -7.97
C LEU D 116 23.20 20.67 -9.35
N TYR D 117 23.91 20.17 -10.36
CA TYR D 117 23.37 20.09 -11.73
C TYR D 117 23.01 18.65 -12.10
N ILE D 118 21.98 18.48 -12.93
CA ILE D 118 21.72 17.21 -13.59
C ILE D 118 21.70 17.49 -15.07
N ARG D 119 21.74 16.44 -15.88
CA ARG D 119 21.69 16.62 -17.31
C ARG D 119 20.24 16.36 -17.72
N GLN D 120 19.73 17.13 -18.67
CA GLN D 120 18.45 16.88 -19.33
C GLN D 120 18.73 17.08 -20.79
N GLY D 121 18.76 16.00 -21.57
CA GLY D 121 19.00 16.12 -23.01
C GLY D 121 20.40 16.62 -23.24
N LEU D 122 20.55 17.63 -24.12
CA LEU D 122 21.88 18.22 -24.37
C LEU D 122 22.17 19.42 -23.49
N SER D 123 21.47 19.48 -22.35
CA SER D 123 21.62 20.60 -21.45
C SER D 123 22.02 20.19 -20.05
N ARG D 124 22.54 21.15 -19.28
CA ARG D 124 22.65 20.98 -17.85
C ARG D 124 21.70 21.96 -17.13
N VAL D 125 21.22 21.52 -15.97
CA VAL D 125 20.20 22.27 -15.22
C VAL D 125 20.57 22.26 -13.76
N VAL D 126 20.49 23.40 -13.10
CA VAL D 126 20.73 23.49 -11.68
C VAL D 126 19.43 23.10 -11.01
N VAL D 127 19.48 22.06 -10.19
CA VAL D 127 18.28 21.58 -9.56
C VAL D 127 18.30 21.85 -8.08
N ALA D 128 19.47 22.23 -7.55
CA ALA D 128 19.53 22.68 -6.18
C ALA D 128 20.72 23.63 -6.04
N GLN D 129 20.59 24.62 -5.16
CA GLN D 129 21.58 25.69 -5.08
C GLN D 129 21.64 26.17 -3.65
N CYS D 130 22.86 26.41 -3.14
CA CYS D 130 22.99 27.12 -1.87
C CYS D 130 23.89 28.28 -2.18
N GLU D 131 23.36 29.49 -2.19
CA GLU D 131 24.20 30.68 -2.45
C GLU D 131 25.17 31.04 -1.27
N SER D 132 26.34 31.61 -1.57
CA SER D 132 27.16 32.17 -0.50
C SER D 132 26.62 33.55 -0.13
N THR D 133 27.30 34.22 0.81
CA THR D 133 26.95 35.54 1.23
C THR D 133 27.79 36.58 0.51
N ALA D 134 28.69 36.19 -0.39
CA ALA D 134 29.56 37.14 -1.07
C ALA D 134 28.70 38.12 -1.92
N THR D 135 29.03 39.41 -2.00
CA THR D 135 28.16 40.29 -2.80
C THR D 135 28.31 40.05 -4.31
N VAL D 136 29.47 39.53 -4.75
CA VAL D 136 29.66 39.07 -6.13
C VAL D 136 29.74 37.52 -6.05
N ARG D 137 28.76 36.83 -6.61
CA ARG D 137 28.77 35.38 -6.47
C ARG D 137 27.96 34.83 -7.64
N SER D 138 27.95 33.51 -7.83
CA SER D 138 27.07 32.92 -8.85
C SER D 138 25.64 32.89 -8.36
N VAL D 139 24.70 33.27 -9.23
CA VAL D 139 23.26 33.22 -8.96
C VAL D 139 22.57 32.62 -10.17
N ILE D 140 23.20 31.63 -10.78
CA ILE D 140 22.62 30.95 -11.93
C ILE D 140 21.22 30.45 -11.59
N PRO D 141 20.21 30.77 -12.44
CA PRO D 141 18.83 30.36 -12.15
C PRO D 141 18.58 28.83 -12.19
N LEU D 142 17.77 28.32 -11.27
CA LEU D 142 17.50 26.91 -11.19
C LEU D 142 16.48 26.62 -12.22
N GLY D 143 16.47 25.38 -12.70
CA GLY D 143 15.40 24.93 -13.57
C GLY D 143 15.61 25.34 -15.01
N VAL D 144 16.66 26.11 -15.27
CA VAL D 144 16.89 26.70 -16.60
C VAL D 144 18.01 25.93 -17.34
N PRO D 145 17.73 25.44 -18.56
CA PRO D 145 18.70 24.71 -19.38
C PRO D 145 19.87 25.58 -19.87
N TYR D 146 21.09 25.11 -19.63
CA TYR D 146 22.31 25.74 -20.13
C TYR D 146 23.08 24.67 -20.88
N PRO D 147 24.00 25.08 -21.79
CA PRO D 147 24.60 24.07 -22.66
C PRO D 147 25.63 23.18 -22.00
N LEU D 148 25.71 21.92 -22.42
CA LEU D 148 26.72 21.03 -21.84
C LEU D 148 28.16 21.40 -22.25
N TRP D 149 28.32 22.16 -23.32
CA TRP D 149 29.66 22.38 -23.88
C TRP D 149 30.49 23.47 -23.18
N ALA D 150 29.86 24.19 -22.24
CA ALA D 150 30.59 25.24 -21.52
C ALA D 150 30.52 24.95 -20.01
N GLY D 151 31.67 24.97 -19.34
CA GLY D 151 31.71 24.90 -17.88
C GLY D 151 32.13 23.54 -17.35
N ALA D 152 32.53 23.52 -16.08
CA ALA D 152 32.97 22.33 -15.37
C ALA D 152 31.85 21.29 -15.22
N ALA D 153 30.66 21.71 -14.78
CA ALA D 153 29.54 20.73 -14.58
C ALA D 153 29.17 19.97 -15.87
N GLY D 154 29.16 20.67 -16.99
CA GLY D 154 28.85 20.00 -18.28
C GLY D 154 29.82 18.87 -18.58
N LYS D 155 31.12 19.06 -18.31
CA LYS D 155 32.08 18.04 -18.64
C LYS D 155 32.05 16.91 -17.61
N ILE D 156 31.61 17.21 -16.39
CA ILE D 156 31.37 16.12 -15.44
C ILE D 156 30.16 15.32 -15.87
N LEU D 157 29.06 15.96 -16.23
CA LEU D 157 27.87 15.20 -16.61
C LEU D 157 28.13 14.31 -17.82
N LEU D 158 29.00 14.76 -18.71
CA LEU D 158 29.30 14.00 -19.94
C LEU D 158 30.12 12.74 -19.60
N LEU D 159 30.56 12.60 -18.36
CA LEU D 159 31.25 11.35 -17.98
C LEU D 159 30.31 10.19 -18.20
N ALA D 160 29.03 10.42 -17.94
CA ALA D 160 27.98 9.40 -18.04
C ALA D 160 27.36 9.33 -19.44
N ALA D 161 27.83 10.15 -20.37
CA ALA D 161 27.18 10.24 -21.69
C ALA D 161 28.14 10.42 -22.89
N PRO D 162 29.08 9.46 -23.10
CA PRO D 162 30.05 9.56 -24.17
C PRO D 162 29.42 9.55 -25.56
N GLU D 163 28.21 8.99 -25.65
CA GLU D 163 27.49 8.89 -26.92
C GLU D 163 26.95 10.26 -27.33
N LEU D 164 26.99 11.24 -26.42
CA LEU D 164 26.48 12.58 -26.68
C LEU D 164 27.57 13.64 -26.96
N ILE D 165 28.84 13.26 -26.80
CA ILE D 165 29.92 14.22 -26.95
C ILE D 165 29.89 14.84 -28.35
N ASP D 166 29.72 14.03 -29.40
CA ASP D 166 29.63 14.58 -30.75
C ASP D 166 28.47 15.58 -30.90
N ASP D 167 27.27 15.21 -30.45
CA ASP D 167 26.12 16.13 -30.50
C ASP D 167 26.44 17.45 -29.79
N VAL D 168 27.07 17.34 -28.61
CA VAL D 168 27.40 18.50 -27.79
C VAL D 168 28.43 19.42 -28.48
N ALA D 169 29.48 18.85 -29.07
CA ALA D 169 30.45 19.64 -29.84
C ALA D 169 29.77 20.36 -30.99
N ALA D 170 28.89 19.64 -31.70
CA ALA D 170 28.15 20.17 -32.83
C ALA D 170 27.29 21.37 -32.47
N ASP D 171 26.75 21.35 -31.26
CA ASP D 171 25.94 22.43 -30.72
C ASP D 171 26.81 23.61 -30.28
N SER D 172 28.11 23.38 -30.09
CA SER D 172 28.97 24.43 -29.50
C SER D 172 29.43 25.44 -30.54
N PRO D 173 29.90 26.62 -30.07
CA PRO D 173 30.41 27.65 -30.96
C PRO D 173 31.53 27.12 -31.87
N HIS D 174 32.46 26.34 -31.32
CA HIS D 174 33.54 25.75 -32.13
C HIS D 174 33.12 24.66 -33.10
N GLY D 175 32.07 23.88 -32.77
CA GLY D 175 31.48 22.99 -33.78
C GLY D 175 32.04 21.60 -33.74
N PRO D 176 31.62 20.73 -34.70
CA PRO D 176 31.91 19.30 -34.67
C PRO D 176 33.40 18.96 -34.68
N GLU D 177 34.23 19.84 -35.27
CA GLU D 177 35.68 19.54 -35.40
C GLU D 177 36.37 19.44 -34.03
N PHE D 178 35.77 20.03 -33.00
CA PHE D 178 36.39 20.04 -31.66
C PHE D 178 35.83 18.92 -30.77
N ALA D 179 35.14 17.95 -31.39
CA ALA D 179 34.52 16.88 -30.65
C ALA D 179 35.58 16.07 -29.92
N ASP D 180 36.67 15.75 -30.61
CA ASP D 180 37.76 15.00 -30.01
C ASP D 180 38.47 15.71 -28.85
N GLN D 181 38.62 17.03 -28.93
CA GLN D 181 39.12 17.82 -27.82
C GLN D 181 38.18 17.71 -26.62
N LEU D 182 36.88 17.86 -26.86
CA LEU D 182 35.92 17.86 -25.77
C LEU D 182 35.99 16.52 -25.10
N ARG D 183 36.25 15.48 -25.89
CA ARG D 183 36.33 14.13 -25.40
C ARG D 183 37.59 13.97 -24.54
N GLU D 184 38.74 14.47 -25.02
CA GLU D 184 39.98 14.50 -24.22
C GLU D 184 39.76 15.25 -22.87
N LYS D 185 39.07 16.39 -22.93
CA LYS D 185 38.72 17.16 -21.72
C LYS D 185 37.85 16.37 -20.74
N VAL D 186 36.84 15.71 -21.26
CA VAL D 186 35.95 14.94 -20.40
C VAL D 186 36.75 13.83 -19.73
N GLU D 187 37.66 13.21 -20.49
CA GLU D 187 38.50 12.14 -19.95
C GLU D 187 39.56 12.60 -18.93
N ASP D 188 40.16 13.78 -19.16
CA ASP D 188 40.97 14.47 -18.16
C ASP D 188 40.21 14.56 -16.84
N GLY D 189 38.92 14.84 -16.91
CA GLY D 189 38.10 14.98 -15.71
C GLY D 189 37.90 13.63 -15.03
N ARG D 190 37.69 12.60 -15.85
CA ARG D 190 37.60 11.24 -15.32
C ARG D 190 38.88 10.83 -14.59
N GLU D 191 40.06 11.16 -15.14
CA GLU D 191 41.35 10.83 -14.51
C GLU D 191 41.62 11.61 -13.21
N ARG D 192 41.38 12.93 -13.24
CA ARG D 192 41.60 13.78 -12.09
C ARG D 192 40.53 13.67 -11.01
N GLY D 193 39.31 13.29 -11.39
CA GLY D 193 38.20 13.18 -10.45
C GLY D 193 37.40 14.48 -10.34
N TYR D 194 37.75 15.50 -11.12
CA TYR D 194 36.99 16.79 -11.11
C TYR D 194 37.34 17.68 -12.29
N GLN D 195 36.48 18.68 -12.58
CA GLN D 195 36.79 19.72 -13.56
C GLN D 195 36.97 21.07 -12.88
N LEU D 196 37.95 21.83 -13.34
CA LEU D 196 38.14 23.20 -12.85
C LEU D 196 38.34 24.03 -14.08
N VAL D 197 37.36 24.88 -14.41
CA VAL D 197 37.41 25.68 -15.63
C VAL D 197 37.20 27.19 -15.36
N HIS D 198 37.75 28.00 -16.23
CA HIS D 198 37.71 29.46 -16.05
C HIS D 198 37.16 30.04 -17.31
N GLY D 199 36.06 30.79 -17.22
CA GLY D 199 35.66 31.70 -18.31
C GLY D 199 35.12 31.10 -19.60
N GLU D 200 34.69 29.83 -19.56
CA GLU D 200 34.02 29.22 -20.72
C GLU D 200 32.60 29.77 -20.85
N ARG D 201 31.85 29.79 -19.75
CA ARG D 201 30.49 30.33 -19.83
C ARG D 201 30.49 31.87 -20.07
N GLU D 202 31.11 32.59 -19.18
CA GLU D 202 31.12 34.02 -19.31
C GLU D 202 32.40 34.49 -18.69
N LEU D 203 32.89 35.64 -19.16
CA LEU D 203 34.09 36.24 -18.60
C LEU D 203 33.90 36.49 -17.10
N GLY D 204 34.90 36.15 -16.27
CA GLY D 204 34.83 36.39 -14.82
C GLY D 204 34.13 35.30 -14.02
N SER D 205 33.69 34.22 -14.68
CA SER D 205 33.05 33.09 -14.03
C SER D 205 33.94 31.84 -14.09
N SER D 206 34.01 31.08 -12.97
CA SER D 206 34.77 29.83 -12.91
C SER D 206 33.92 28.81 -12.21
N GLY D 207 34.29 27.54 -12.41
CA GLY D 207 33.56 26.44 -11.78
C GLY D 207 34.51 25.35 -11.39
N LEU D 208 34.27 24.77 -10.23
CA LEU D 208 34.93 23.54 -9.78
C LEU D 208 33.84 22.48 -9.64
N SER D 209 33.96 21.34 -10.35
CA SER D 209 32.83 20.36 -10.37
C SER D 209 33.33 18.97 -10.11
N PHE D 210 32.59 18.27 -9.25
CA PHE D 210 32.88 16.87 -8.88
C PHE D 210 31.68 15.98 -9.25
N PRO D 211 31.94 14.72 -9.65
CA PRO D 211 30.85 13.77 -9.89
C PRO D 211 30.11 13.38 -8.65
N LEU D 212 28.81 13.23 -8.81
CA LEU D 212 27.97 12.56 -7.81
C LEU D 212 27.44 11.34 -8.51
N VAL D 213 27.50 10.19 -7.83
CA VAL D 213 27.19 8.93 -8.51
C VAL D 213 26.06 8.17 -7.84
N ASP D 214 25.42 7.27 -8.59
CA ASP D 214 24.44 6.35 -8.01
C ASP D 214 25.22 5.18 -7.38
N SER D 215 24.51 4.22 -6.79
CA SER D 215 25.20 3.21 -6.04
C SER D 215 26.20 2.49 -6.96
N HIS D 216 25.87 2.38 -8.26
CA HIS D 216 26.67 1.58 -9.21
C HIS D 216 27.96 2.30 -9.56
N GLY D 217 27.99 3.61 -9.32
CA GLY D 217 29.12 4.43 -9.64
C GLY D 217 28.96 5.26 -10.88
N THR D 218 27.76 5.25 -11.47
CA THR D 218 27.46 6.04 -12.63
C THR D 218 27.15 7.50 -12.23
N VAL D 219 27.67 8.46 -13.01
CA VAL D 219 27.52 9.89 -12.67
C VAL D 219 26.08 10.33 -12.90
N VAL D 220 25.39 10.77 -11.85
CA VAL D 220 23.99 11.23 -12.00
C VAL D 220 23.82 12.73 -11.78
N ALA D 221 24.83 13.38 -11.19
CA ALA D 221 24.78 14.78 -10.92
C ALA D 221 26.18 15.35 -10.81
N ALA D 222 26.31 16.69 -10.79
CA ALA D 222 27.62 17.34 -10.73
C ALA D 222 27.54 18.34 -9.61
N LEU D 223 28.32 18.13 -8.54
CA LEU D 223 28.36 19.05 -7.43
C LEU D 223 29.37 20.12 -7.75
N THR D 224 28.94 21.38 -7.71
CA THR D 224 29.71 22.41 -8.41
C THR D 224 29.83 23.70 -7.61
N LEU D 225 31.05 24.18 -7.42
CA LEU D 225 31.25 25.55 -6.91
C LEU D 225 31.29 26.47 -8.09
N GLY D 226 30.57 27.59 -8.05
CA GLY D 226 30.61 28.56 -9.19
C GLY D 226 30.86 29.94 -8.58
N GLY D 227 31.66 30.76 -9.21
CA GLY D 227 31.99 32.07 -8.59
C GLY D 227 32.97 32.83 -9.42
N PRO D 228 33.36 34.03 -8.94
CA PRO D 228 34.22 34.85 -9.75
C PRO D 228 35.62 34.26 -9.81
N THR D 229 36.19 34.29 -11.01
CA THR D 229 37.49 33.70 -11.26
C THR D 229 38.58 34.24 -10.34
N GLY D 230 38.46 35.51 -9.97
CA GLY D 230 39.42 36.10 -9.04
C GLY D 230 39.49 35.42 -7.68
N ARG D 231 38.45 34.64 -7.30
CA ARG D 231 38.54 33.82 -6.08
C ARG D 231 39.04 32.36 -6.31
N PHE D 232 39.15 31.93 -7.56
CA PHE D 232 39.56 30.56 -7.84
C PHE D 232 41.00 30.56 -8.21
N THR D 233 41.81 31.07 -7.30
CA THR D 233 43.21 31.26 -7.56
C THR D 233 44.04 30.06 -7.10
N GLU D 234 45.34 30.10 -7.40
CA GLU D 234 46.29 29.05 -6.95
C GLU D 234 46.27 28.85 -5.43
N ASP D 235 46.20 29.94 -4.67
CA ASP D 235 46.18 29.83 -3.21
C ASP D 235 44.87 29.33 -2.62
N ARG D 236 43.74 29.50 -3.33
CA ARG D 236 42.42 29.12 -2.77
C ARG D 236 41.89 27.80 -3.27
N THR D 237 42.23 27.41 -4.51
CA THR D 237 41.60 26.26 -5.10
C THR D 237 41.95 24.93 -4.41
N PRO D 238 43.20 24.77 -3.88
CA PRO D 238 43.41 23.47 -3.22
C PRO D 238 42.39 23.22 -2.10
N HIS D 239 42.02 24.27 -1.35
CA HIS D 239 41.02 24.20 -0.27
C HIS D 239 39.62 23.96 -0.82
N TYR D 240 39.30 24.63 -1.93
CA TYR D 240 38.02 24.44 -2.61
C TYR D 240 37.89 22.97 -2.98
N ILE D 241 38.96 22.44 -3.59
CA ILE D 241 39.03 21.05 -4.02
C ILE D 241 38.87 20.11 -2.84
N GLU D 242 39.60 20.34 -1.75
CA GLU D 242 39.49 19.41 -0.63
C GLU D 242 38.09 19.40 0.01
N CYS D 243 37.43 20.56 0.05
CA CYS D 243 36.12 20.66 0.68
C CYS D 243 35.06 20.08 -0.25
N THR D 244 35.19 20.38 -1.54
CA THR D 244 34.21 19.86 -2.54
C THR D 244 34.34 18.34 -2.70
N ARG D 245 35.57 17.85 -2.68
CA ARG D 245 35.81 16.42 -2.81
C ARG D 245 35.10 15.65 -1.69
N ALA D 246 35.21 16.15 -0.48
CA ALA D 246 34.67 15.44 0.69
C ALA D 246 33.14 15.54 0.65
N ALA D 247 32.63 16.71 0.27
CA ALA D 247 31.19 16.89 0.17
C ALA D 247 30.57 15.95 -0.85
N ALA D 248 31.23 15.80 -2.00
CA ALA D 248 30.75 14.90 -3.05
C ALA D 248 30.74 13.43 -2.56
N GLU D 249 31.83 12.98 -1.95
CA GLU D 249 31.90 11.65 -1.33
C GLU D 249 30.77 11.44 -0.36
N GLU D 250 30.52 12.44 0.48
CA GLU D 250 29.48 12.32 1.49
C GLU D 250 28.09 12.27 0.87
N ILE D 251 27.86 13.03 -0.20
CA ILE D 251 26.56 13.05 -0.87
C ILE D 251 26.28 11.76 -1.62
N SER D 252 27.26 11.30 -2.40
CA SER D 252 27.18 9.99 -3.05
C SER D 252 26.92 8.82 -2.11
N ALA D 253 27.56 8.85 -0.94
CA ALA D 253 27.34 7.80 0.07
C ALA D 253 25.93 7.83 0.63
N ILE D 254 25.37 9.04 0.80
CA ILE D 254 23.94 9.21 1.17
C ILE D 254 23.02 8.72 0.04
N GLY D 255 23.30 9.18 -1.18
CA GLY D 255 22.57 8.70 -2.36
C GLY D 255 21.55 9.73 -2.85
N LEU D 256 21.19 9.67 -4.13
CA LEU D 256 20.23 10.59 -4.73
C LEU D 256 19.21 9.78 -5.52
N PRO D 257 18.38 8.99 -4.82
CA PRO D 257 17.67 7.87 -5.43
C PRO D 257 16.70 8.29 -6.55
N GLY D 258 16.11 9.48 -6.41
CA GLY D 258 15.18 9.98 -7.41
C GLY D 258 15.80 10.33 -8.78
N LEU D 259 17.13 10.18 -8.90
CA LEU D 259 17.88 10.44 -10.15
C LEU D 259 18.41 9.16 -10.83
N ASP D 260 18.41 8.05 -10.08
CA ASP D 260 19.53 7.02 -9.99
C ASP D 260 20.13 6.42 -11.28
#